data_7T4U
#
_entry.id   7T4U
#
_cell.length_a   93.463
_cell.length_b   102.709
_cell.length_c   103.843
_cell.angle_alpha   90.000
_cell.angle_beta   90.000
_cell.angle_gamma   90.000
#
_symmetry.space_group_name_H-M   'P 21 21 21'
#
loop_
_entity.id
_entity.type
_entity.pdbx_description
1 polymer 'cGMP-dependent protein kinase 1'
2 non-polymer '3-amino-4-({(2S,3S)-3-[(1S)-1-(3,5-dichlorophenyl)-2-hydroxyethoxy]-2-phenylpiperidin-1-yl}methyl)benzoic acid'
3 water water
#
_entity_poly.entity_id   1
_entity_poly.type   'polypeptide(L)'
_entity_poly.pdbx_seq_one_letter_code
;STGLIKHTEYMEFLKSVPTFQSLPEEILSKLADVLEETHYENGEYIIRQGARGDTFFIISKGTVNVTREDSPSEDPVFLR
TLGKGDWFGEKALQGEDVRTANVIAAEAVTCLVIDRDSFKHLIGGLDDVSNKAYEDAEAKAKYEAEAAFFANLKLSDFNI
IDTLGVGGFGRVELVQLKSEESKTFAMKILKKRHIVDTRQQEHIRSEKQIMQGAHSDFIVRLYRTFKDSKYLYMLMEACL
GGELWTILRDRGSFEDSTTRFYTACVVEAFAYLHSKGIIYRDLKPENLILDHRGYAKLVDFGFAKKIGFGKKTW(TPO)F
CGTPEYVAPEIILNKGHDISADYWSLGILMYELLTGSPPFSGPDPMKTYNIILRGIDMIEFPKKIAKNAANLIKKLCRDN
PSERLGNLKNGVKDIQKHKWFEGFNWEGLRKGTLTPPIIPSVASPTDTSNFDSFPEDNDEPPPDDNSGWDIDF
;
_entity_poly.pdbx_strand_id   A,B
#
# COMPACT_ATOMS: atom_id res chain seq x y z
N GLY A 3 43.37 -2.00 -21.41
CA GLY A 3 44.27 -2.98 -20.81
C GLY A 3 43.65 -4.36 -20.74
N LEU A 4 44.42 -5.42 -21.07
CA LEU A 4 43.90 -6.81 -21.07
C LEU A 4 43.47 -7.26 -19.66
N ILE A 5 44.30 -7.01 -18.63
CA ILE A 5 43.98 -7.32 -17.23
C ILE A 5 42.75 -6.51 -16.79
N LYS A 6 42.80 -5.19 -16.97
CA LYS A 6 41.73 -4.27 -16.58
C LYS A 6 40.40 -4.60 -17.28
N HIS A 7 40.48 -4.97 -18.57
CA HIS A 7 39.29 -5.35 -19.34
C HIS A 7 38.67 -6.62 -18.75
N THR A 8 39.49 -7.59 -18.34
CA THR A 8 38.98 -8.83 -17.72
C THR A 8 38.42 -8.55 -16.30
N GLU A 9 39.08 -7.65 -15.52
CA GLU A 9 38.60 -7.27 -14.17
C GLU A 9 37.23 -6.56 -14.28
N TYR A 10 37.10 -5.66 -15.27
CA TYR A 10 35.84 -4.99 -15.58
C TYR A 10 34.82 -6.04 -16.00
N MET A 11 35.22 -6.99 -16.88
CA MET A 11 34.34 -8.08 -17.34
C MET A 11 33.85 -8.92 -16.17
N GLU A 12 34.76 -9.38 -15.31
CA GLU A 12 34.41 -10.20 -14.16
C GLU A 12 33.55 -9.43 -13.16
N PHE A 13 33.73 -8.09 -13.10
CA PHE A 13 32.91 -7.20 -12.25
C PHE A 13 31.50 -7.02 -12.83
N LEU A 14 31.37 -6.81 -14.15
CA LEU A 14 30.06 -6.67 -14.79
C LEU A 14 29.27 -8.00 -14.72
N LYS A 15 29.94 -9.18 -14.73
CA LYS A 15 29.24 -10.47 -14.62
C LYS A 15 28.72 -10.75 -13.20
N SER A 16 29.20 -9.98 -12.19
CA SER A 16 28.76 -10.06 -10.80
C SER A 16 27.54 -9.14 -10.46
N VAL A 17 27.23 -8.17 -11.34
CA VAL A 17 26.10 -7.26 -11.13
C VAL A 17 24.84 -8.04 -11.58
N PRO A 18 23.76 -8.11 -10.76
CA PRO A 18 22.55 -8.86 -11.16
C PRO A 18 21.88 -8.46 -12.46
N THR A 19 21.82 -7.15 -12.77
CA THR A 19 21.20 -6.67 -14.01
C THR A 19 22.05 -6.94 -15.27
N PHE A 20 23.35 -6.60 -15.21
CA PHE A 20 24.24 -6.71 -16.37
C PHE A 20 24.68 -8.14 -16.74
N GLN A 21 24.74 -9.08 -15.78
CA GLN A 21 25.20 -10.45 -16.07
C GLN A 21 24.38 -11.19 -17.16
N SER A 22 23.06 -10.88 -17.34
CA SER A 22 22.25 -11.52 -18.38
C SER A 22 22.70 -11.12 -19.80
N LEU A 23 23.30 -9.93 -19.95
CA LEU A 23 23.68 -9.37 -21.25
C LEU A 23 24.72 -10.21 -22.02
N PRO A 24 24.71 -10.14 -23.37
CA PRO A 24 25.71 -10.91 -24.14
C PRO A 24 27.15 -10.46 -23.91
N GLU A 25 28.11 -11.27 -24.35
CA GLU A 25 29.53 -10.97 -24.22
C GLU A 25 29.94 -9.72 -25.03
N GLU A 26 29.30 -9.52 -26.21
CA GLU A 26 29.57 -8.37 -27.09
C GLU A 26 29.35 -7.05 -26.37
N ILE A 27 28.25 -6.95 -25.63
CA ILE A 27 27.87 -5.71 -24.91
C ILE A 27 28.79 -5.52 -23.70
N LEU A 28 28.93 -6.56 -22.86
CA LEU A 28 29.79 -6.53 -21.68
C LEU A 28 31.25 -6.20 -22.07
N SER A 29 31.75 -6.79 -23.17
CA SER A 29 33.12 -6.54 -23.63
C SER A 29 33.29 -5.11 -24.14
N LYS A 30 32.33 -4.63 -24.97
CA LYS A 30 32.35 -3.26 -25.49
C LYS A 30 32.18 -2.24 -24.35
N LEU A 31 31.43 -2.60 -23.28
CA LEU A 31 31.30 -1.72 -22.09
C LEU A 31 32.66 -1.62 -21.42
N ALA A 32 33.27 -2.78 -21.12
CA ALA A 32 34.62 -2.86 -20.54
C ALA A 32 35.66 -2.10 -21.38
N ASP A 33 35.49 -2.05 -22.72
CA ASP A 33 36.41 -1.30 -23.59
C ASP A 33 36.35 0.24 -23.37
N VAL A 34 35.18 0.80 -22.93
CA VAL A 34 35.01 2.26 -22.75
C VAL A 34 34.73 2.74 -21.30
N LEU A 35 34.40 1.85 -20.33
CA LEU A 35 34.17 2.31 -18.95
C LEU A 35 35.47 2.88 -18.34
N GLU A 36 35.43 3.98 -17.60
CA GLU A 36 36.66 4.50 -16.99
C GLU A 36 36.47 4.59 -15.50
N GLU A 37 37.58 4.49 -14.73
CA GLU A 37 37.54 4.52 -13.25
C GLU A 37 37.76 5.93 -12.74
N THR A 38 36.94 6.36 -11.80
CA THR A 38 37.07 7.65 -11.12
C THR A 38 37.12 7.36 -9.62
N HIS A 39 37.94 8.11 -8.85
CA HIS A 39 38.12 7.89 -7.41
C HIS A 39 37.65 9.09 -6.56
N TYR A 40 37.06 8.79 -5.39
CA TYR A 40 36.52 9.78 -4.45
C TYR A 40 36.93 9.41 -3.02
N GLU A 41 36.79 10.33 -2.07
CA GLU A 41 37.09 10.06 -0.65
C GLU A 41 35.89 10.42 0.24
N ASN A 42 35.87 9.90 1.49
CA ASN A 42 34.79 10.12 2.46
C ASN A 42 34.35 11.60 2.49
N GLY A 43 33.06 11.84 2.26
CA GLY A 43 32.46 13.17 2.25
C GLY A 43 32.45 13.89 0.91
N GLU A 44 33.18 13.37 -0.10
CA GLU A 44 33.25 13.97 -1.44
C GLU A 44 31.94 13.76 -2.21
N TYR A 45 31.39 14.85 -2.79
CA TYR A 45 30.14 14.82 -3.56
C TYR A 45 30.43 14.32 -4.97
N ILE A 46 29.84 13.17 -5.36
CA ILE A 46 29.98 12.57 -6.70
C ILE A 46 29.03 13.31 -7.66
N ILE A 47 27.76 13.49 -7.24
CA ILE A 47 26.72 14.23 -7.93
C ILE A 47 26.18 15.26 -6.95
N ARG A 48 25.93 16.51 -7.40
CA ARG A 48 25.35 17.56 -6.56
C ARG A 48 23.98 17.89 -7.14
N GLN A 49 22.96 17.98 -6.30
CA GLN A 49 21.60 18.31 -6.72
C GLN A 49 21.56 19.73 -7.33
N GLY A 50 20.85 19.87 -8.44
CA GLY A 50 20.76 21.15 -9.14
C GLY A 50 21.85 21.39 -10.17
N ALA A 51 22.94 20.58 -10.14
CA ALA A 51 24.04 20.67 -11.10
C ALA A 51 23.63 19.91 -12.36
N ARG A 52 24.31 20.19 -13.49
CA ARG A 52 24.04 19.54 -14.77
C ARG A 52 24.99 18.34 -14.89
N GLY A 53 24.56 17.28 -15.58
CA GLY A 53 25.38 16.08 -15.75
C GLY A 53 25.03 15.24 -16.95
N ASP A 54 26.04 14.52 -17.45
CA ASP A 54 25.95 13.65 -18.63
C ASP A 54 26.66 12.31 -18.35
N THR A 55 26.58 11.78 -17.11
CA THR A 55 27.29 10.54 -16.76
C THR A 55 26.50 9.58 -15.82
N PHE A 56 26.67 8.25 -16.08
CA PHE A 56 26.09 7.13 -15.33
C PHE A 56 27.21 6.48 -14.53
N PHE A 57 26.97 6.14 -13.26
CA PHE A 57 27.99 5.57 -12.37
C PHE A 57 27.60 4.17 -11.89
N ILE A 58 28.55 3.22 -11.90
CA ILE A 58 28.38 1.89 -11.32
C ILE A 58 29.41 1.84 -10.22
N ILE A 59 29.01 1.51 -8.98
CA ILE A 59 29.92 1.49 -7.83
C ILE A 59 30.72 0.17 -7.87
N SER A 60 32.05 0.25 -7.94
CA SER A 60 32.93 -0.93 -7.92
C SER A 60 33.65 -1.12 -6.58
N LYS A 61 33.63 -0.11 -5.69
CA LYS A 61 34.33 -0.18 -4.40
C LYS A 61 33.80 0.93 -3.49
N GLY A 62 33.49 0.60 -2.24
CA GLY A 62 32.97 1.55 -1.25
C GLY A 62 31.46 1.73 -1.26
N THR A 63 31.00 2.81 -0.60
CA THR A 63 29.57 3.14 -0.44
C THR A 63 29.31 4.64 -0.58
N VAL A 64 28.08 5.00 -0.94
CA VAL A 64 27.67 6.40 -1.14
C VAL A 64 26.31 6.62 -0.48
N ASN A 65 26.06 7.84 0.01
CA ASN A 65 24.78 8.25 0.63
C ASN A 65 24.01 9.11 -0.40
N VAL A 66 22.75 8.75 -0.67
CA VAL A 66 21.88 9.49 -1.60
C VAL A 66 20.95 10.38 -0.77
N THR A 67 21.04 11.73 -0.93
CA THR A 67 20.22 12.69 -0.19
C THR A 67 19.51 13.66 -1.14
N ARG A 68 18.46 14.34 -0.67
CA ARG A 68 17.69 15.28 -1.51
C ARG A 68 17.00 16.33 -0.65
N GLU A 69 16.83 17.56 -1.17
CA GLU A 69 16.10 18.62 -0.47
C GLU A 69 14.85 18.99 -1.29
N ASP A 70 13.66 18.94 -0.64
CA ASP A 70 12.38 19.25 -1.29
C ASP A 70 12.23 20.76 -1.56
N SER A 71 12.93 21.63 -0.78
CA SER A 71 12.89 23.08 -0.96
C SER A 71 14.21 23.69 -0.44
N PRO A 72 14.58 24.92 -0.86
CA PRO A 72 15.86 25.51 -0.40
C PRO A 72 15.95 25.81 1.11
N SER A 73 14.80 26.01 1.78
CA SER A 73 14.74 26.31 3.23
C SER A 73 14.19 25.08 4.03
N GLU A 74 14.80 23.90 3.78
CA GLU A 74 14.45 22.61 4.38
C GLU A 74 15.69 21.70 4.49
N ASP A 75 15.82 20.93 5.60
CA ASP A 75 16.95 20.00 5.80
C ASP A 75 16.97 18.92 4.70
N PRO A 76 18.15 18.40 4.33
CA PRO A 76 18.13 17.33 3.32
C PRO A 76 17.58 16.02 3.90
N VAL A 77 16.68 15.36 3.15
CA VAL A 77 16.12 14.08 3.58
C VAL A 77 16.98 12.96 2.97
N PHE A 78 17.46 12.03 3.82
CA PHE A 78 18.25 10.87 3.39
C PHE A 78 17.31 9.90 2.64
N LEU A 79 17.70 9.45 1.41
CA LEU A 79 16.87 8.54 0.58
C LEU A 79 17.33 7.09 0.72
N ARG A 80 18.61 6.83 0.45
CA ARG A 80 19.17 5.48 0.53
C ARG A 80 20.69 5.47 0.51
N THR A 81 21.28 4.30 0.83
CA THR A 81 22.74 4.07 0.80
C THR A 81 22.98 3.01 -0.27
N LEU A 82 23.99 3.20 -1.12
CA LEU A 82 24.34 2.29 -2.22
C LEU A 82 25.79 1.85 -2.06
N GLY A 83 26.10 0.63 -2.51
CA GLY A 83 27.44 0.05 -2.44
C GLY A 83 27.87 -0.67 -3.70
N LYS A 84 28.99 -1.43 -3.62
CA LYS A 84 29.54 -2.20 -4.75
C LYS A 84 28.43 -2.97 -5.51
N GLY A 85 28.35 -2.76 -6.83
CA GLY A 85 27.34 -3.38 -7.68
C GLY A 85 26.11 -2.53 -7.97
N ASP A 86 25.85 -1.51 -7.15
CA ASP A 86 24.73 -0.61 -7.38
C ASP A 86 25.16 0.48 -8.37
N TRP A 87 24.19 1.25 -8.84
CA TRP A 87 24.43 2.30 -9.80
C TRP A 87 23.47 3.45 -9.65
N PHE A 88 23.80 4.58 -10.29
CA PHE A 88 22.99 5.80 -10.24
C PHE A 88 23.35 6.75 -11.42
N GLY A 89 22.56 7.81 -11.57
CA GLY A 89 22.76 8.86 -12.58
C GLY A 89 22.39 8.51 -14.00
N GLU A 90 21.57 7.46 -14.19
CA GLU A 90 21.15 6.95 -15.51
C GLU A 90 20.35 7.91 -16.40
N LYS A 91 19.63 8.88 -15.81
CA LYS A 91 18.81 9.80 -16.60
C LYS A 91 19.68 10.72 -17.47
N ALA A 92 20.94 10.99 -17.02
CA ALA A 92 21.93 11.77 -17.76
C ALA A 92 22.32 11.13 -19.12
N LEU A 93 22.15 9.79 -19.27
CA LEU A 93 22.38 9.05 -20.52
C LEU A 93 21.21 9.26 -21.47
N GLN A 94 19.97 9.27 -20.92
CA GLN A 94 18.75 9.46 -21.72
C GLN A 94 18.51 10.92 -22.17
N GLY A 95 19.32 11.88 -21.68
CA GLY A 95 19.23 13.27 -22.11
C GLY A 95 19.19 14.30 -21.00
N GLU A 96 18.17 14.22 -20.11
CA GLU A 96 17.96 15.20 -19.03
C GLU A 96 19.20 15.38 -18.14
N ASP A 97 19.70 16.63 -18.05
CA ASP A 97 20.92 16.97 -17.34
C ASP A 97 20.78 17.34 -15.86
N VAL A 98 19.66 17.98 -15.46
CA VAL A 98 19.50 18.46 -14.08
C VAL A 98 19.49 17.30 -13.08
N ARG A 99 20.40 17.37 -12.08
CA ARG A 99 20.54 16.37 -11.02
C ARG A 99 19.48 16.60 -9.93
N THR A 100 18.58 15.60 -9.72
CA THR A 100 17.50 15.70 -8.74
C THR A 100 17.91 15.18 -7.33
N ALA A 101 19.18 14.77 -7.11
CA ALA A 101 19.62 14.31 -5.79
C ALA A 101 21.14 14.33 -5.65
N ASN A 102 21.64 14.55 -4.43
CA ASN A 102 23.08 14.50 -4.17
C ASN A 102 23.53 13.03 -3.96
N VAL A 103 24.76 12.67 -4.41
CA VAL A 103 25.34 11.35 -4.17
C VAL A 103 26.71 11.64 -3.55
N ILE A 104 26.85 11.40 -2.22
CA ILE A 104 28.06 11.73 -1.48
C ILE A 104 28.75 10.45 -1.03
N ALA A 105 30.07 10.42 -1.09
CA ALA A 105 30.83 9.24 -0.71
C ALA A 105 30.84 9.05 0.82
N ALA A 106 30.44 7.85 1.29
CA ALA A 106 30.41 7.47 2.71
C ALA A 106 31.81 6.98 3.17
N GLU A 107 32.72 6.68 2.21
CA GLU A 107 34.09 6.23 2.48
C GLU A 107 34.94 6.45 1.20
N ALA A 108 36.07 5.71 1.00
CA ALA A 108 36.85 5.83 -0.24
C ALA A 108 36.06 5.07 -1.31
N VAL A 109 35.71 5.74 -2.43
CA VAL A 109 34.89 5.15 -3.48
C VAL A 109 35.56 5.14 -4.86
N THR A 110 35.27 4.08 -5.64
CA THR A 110 35.66 3.95 -7.03
C THR A 110 34.37 3.63 -7.79
N CYS A 111 34.16 4.32 -8.91
CA CYS A 111 33.01 4.15 -9.80
C CYS A 111 33.53 3.87 -11.20
N LEU A 112 32.83 3.01 -11.96
CA LEU A 112 33.07 2.78 -13.38
C LEU A 112 32.08 3.73 -14.06
N VAL A 113 32.58 4.69 -14.85
CA VAL A 113 31.71 5.72 -15.44
C VAL A 113 31.65 5.65 -16.96
N ILE A 114 30.51 6.04 -17.53
CA ILE A 114 30.30 6.12 -18.96
C ILE A 114 29.41 7.33 -19.21
N ASP A 115 29.96 8.36 -19.87
CA ASP A 115 29.24 9.58 -20.19
C ASP A 115 28.21 9.34 -21.31
N ARG A 116 27.29 10.29 -21.47
CA ARG A 116 26.15 10.28 -22.41
C ARG A 116 26.63 10.05 -23.85
N ASP A 117 27.61 10.85 -24.32
CA ASP A 117 28.17 10.73 -25.69
C ASP A 117 28.79 9.34 -25.97
N SER A 118 29.52 8.74 -24.98
CA SER A 118 30.15 7.41 -25.13
C SER A 118 29.11 6.32 -25.14
N PHE A 119 28.13 6.36 -24.20
CA PHE A 119 27.03 5.38 -24.13
C PHE A 119 26.25 5.43 -25.45
N LYS A 120 25.96 6.67 -25.95
CA LYS A 120 25.23 6.88 -27.21
C LYS A 120 26.01 6.31 -28.38
N HIS A 121 27.33 6.57 -28.43
CA HIS A 121 28.18 6.05 -29.51
C HIS A 121 28.21 4.49 -29.49
N LEU A 122 28.27 3.88 -28.27
CA LEU A 122 28.27 2.42 -28.06
C LEU A 122 26.95 1.82 -28.55
N ILE A 123 25.83 2.43 -28.14
CA ILE A 123 24.48 2.01 -28.54
C ILE A 123 24.27 2.18 -30.05
N GLY A 124 24.70 3.33 -30.59
CA GLY A 124 24.57 3.69 -31.99
C GLY A 124 24.97 2.67 -33.04
N GLY A 125 26.05 1.92 -32.77
CA GLY A 125 26.55 0.88 -33.67
C GLY A 125 26.69 -0.46 -32.98
N LEU A 126 25.64 -1.31 -33.08
CA LEU A 126 25.59 -2.63 -32.44
C LEU A 126 24.98 -3.68 -33.38
N ASP A 127 25.04 -4.97 -32.99
CA ASP A 127 24.51 -6.10 -33.79
C ASP A 127 22.98 -6.27 -33.65
N ASP A 128 22.39 -7.12 -34.53
CA ASP A 128 20.95 -7.44 -34.49
C ASP A 128 20.59 -8.43 -33.36
N VAL A 129 21.52 -9.36 -32.99
CA VAL A 129 21.29 -10.31 -31.90
C VAL A 129 21.43 -9.55 -30.58
N SER A 130 22.46 -8.66 -30.52
CA SER A 130 22.79 -7.78 -29.39
C SER A 130 21.63 -6.89 -28.90
N ASN A 131 20.60 -6.64 -29.75
CA ASN A 131 19.46 -5.80 -29.36
C ASN A 131 18.28 -6.63 -28.82
N LYS A 132 18.31 -7.98 -28.95
CA LYS A 132 17.20 -8.85 -28.53
C LYS A 132 17.17 -9.17 -27.02
N ALA A 133 18.34 -9.49 -26.40
CA ALA A 133 18.40 -9.75 -24.95
C ALA A 133 18.41 -8.42 -24.17
N TYR A 134 18.74 -7.30 -24.86
CA TYR A 134 18.72 -5.94 -24.32
C TYR A 134 17.24 -5.59 -24.03
N GLU A 135 16.33 -5.90 -24.99
CA GLU A 135 14.88 -5.70 -24.86
C GLU A 135 14.29 -6.48 -23.66
N ASP A 136 14.75 -7.74 -23.41
CA ASP A 136 14.27 -8.56 -22.28
C ASP A 136 14.64 -7.93 -20.92
N ALA A 137 15.86 -7.39 -20.85
CA ALA A 137 16.36 -6.72 -19.66
C ALA A 137 15.71 -5.34 -19.50
N GLU A 138 15.44 -4.62 -20.63
CA GLU A 138 14.79 -3.31 -20.58
C GLU A 138 13.32 -3.49 -20.12
N ALA A 139 12.63 -4.52 -20.64
CA ALA A 139 11.26 -4.88 -20.25
C ALA A 139 11.21 -5.23 -18.76
N LYS A 140 12.15 -6.07 -18.28
CA LYS A 140 12.21 -6.46 -16.87
C LYS A 140 12.36 -5.25 -15.94
N ALA A 141 13.25 -4.33 -16.28
CA ALA A 141 13.49 -3.13 -15.47
C ALA A 141 12.42 -2.03 -15.66
N LYS A 142 11.72 -2.03 -16.81
CA LYS A 142 10.62 -1.09 -17.09
C LYS A 142 9.39 -1.50 -16.20
N TYR A 143 9.17 -2.82 -15.94
CA TYR A 143 8.08 -3.28 -15.09
C TYR A 143 8.41 -3.14 -13.60
N GLU A 144 9.68 -3.35 -13.19
CA GLU A 144 10.06 -3.17 -11.78
C GLU A 144 9.94 -1.70 -11.40
N ALA A 145 10.17 -0.80 -12.38
CA ALA A 145 10.06 0.65 -12.18
C ALA A 145 8.57 1.05 -12.12
N GLU A 146 7.70 0.35 -12.90
CA GLU A 146 6.24 0.57 -12.87
C GLU A 146 5.71 0.12 -11.51
N ALA A 147 6.10 -1.08 -11.05
CA ALA A 147 5.70 -1.60 -9.74
C ALA A 147 6.07 -0.61 -8.62
N ALA A 148 7.27 0.01 -8.71
CA ALA A 148 7.75 0.98 -7.73
C ALA A 148 6.96 2.30 -7.80
N PHE A 149 6.50 2.72 -8.99
CA PHE A 149 5.69 3.93 -9.09
C PHE A 149 4.35 3.71 -8.36
N PHE A 150 3.70 2.57 -8.62
CA PHE A 150 2.42 2.23 -7.99
C PHE A 150 2.55 1.89 -6.50
N ALA A 151 3.70 1.31 -6.07
CA ALA A 151 3.96 0.94 -4.65
C ALA A 151 3.95 2.17 -3.73
N ASN A 152 4.34 3.32 -4.27
CA ASN A 152 4.34 4.61 -3.56
C ASN A 152 2.92 5.14 -3.31
N LEU A 153 1.97 4.83 -4.19
CA LEU A 153 0.58 5.33 -4.10
C LEU A 153 -0.27 4.68 -2.99
N LYS A 154 -1.32 5.39 -2.59
CA LYS A 154 -2.29 4.92 -1.59
C LYS A 154 -3.68 5.16 -2.16
N LEU A 155 -4.72 4.54 -1.57
CA LEU A 155 -6.12 4.72 -2.03
C LEU A 155 -6.55 6.19 -1.97
N SER A 156 -6.03 6.93 -0.97
CA SER A 156 -6.27 8.36 -0.79
C SER A 156 -5.75 9.23 -1.96
N ASP A 157 -4.91 8.68 -2.86
CA ASP A 157 -4.41 9.44 -4.02
C ASP A 157 -5.39 9.38 -5.23
N PHE A 158 -6.47 8.58 -5.14
CA PHE A 158 -7.44 8.44 -6.23
C PHE A 158 -8.79 9.06 -5.91
N ASN A 159 -9.56 9.40 -6.95
CA ASN A 159 -10.93 9.88 -6.84
C ASN A 159 -11.80 9.04 -7.74
N ILE A 160 -13.02 8.76 -7.30
CA ILE A 160 -14.03 8.03 -8.09
C ILE A 160 -14.70 9.00 -9.05
N ILE A 161 -14.87 8.57 -10.31
CA ILE A 161 -15.49 9.36 -11.38
C ILE A 161 -16.91 8.87 -11.59
N ASP A 162 -17.05 7.58 -11.93
CA ASP A 162 -18.34 6.94 -12.19
C ASP A 162 -18.17 5.43 -12.09
N THR A 163 -19.29 4.70 -12.06
CA THR A 163 -19.26 3.24 -12.00
C THR A 163 -19.23 2.63 -13.39
N LEU A 164 -18.46 1.56 -13.54
CA LEU A 164 -18.34 0.80 -14.78
C LEU A 164 -19.13 -0.52 -14.72
N GLY A 165 -19.26 -1.12 -13.52
CA GLY A 165 -19.99 -2.38 -13.35
C GLY A 165 -20.33 -2.67 -11.90
N VAL A 166 -21.41 -3.45 -11.69
CA VAL A 166 -21.93 -3.79 -10.35
C VAL A 166 -22.40 -5.25 -10.35
N GLY A 167 -22.23 -5.92 -9.20
CA GLY A 167 -22.65 -7.29 -8.93
C GLY A 167 -22.59 -7.61 -7.46
N GLY A 168 -22.80 -8.88 -7.10
CA GLY A 168 -22.70 -9.36 -5.73
C GLY A 168 -21.27 -9.27 -5.23
N PHE A 169 -20.30 -9.49 -6.13
CA PHE A 169 -18.87 -9.35 -5.83
C PHE A 169 -18.49 -7.98 -5.21
N GLY A 170 -19.17 -6.91 -5.66
CA GLY A 170 -18.90 -5.53 -5.32
C GLY A 170 -19.10 -4.66 -6.56
N ARG A 171 -18.11 -3.83 -6.92
CA ARG A 171 -18.25 -3.00 -8.12
C ARG A 171 -16.94 -2.60 -8.74
N VAL A 172 -17.01 -2.10 -9.99
CA VAL A 172 -15.84 -1.63 -10.74
C VAL A 172 -16.05 -0.13 -10.96
N GLU A 173 -15.15 0.70 -10.42
CA GLU A 173 -15.24 2.15 -10.51
C GLU A 173 -14.21 2.75 -11.40
N LEU A 174 -14.58 3.74 -12.20
CA LEU A 174 -13.58 4.49 -12.95
C LEU A 174 -12.98 5.48 -11.90
N VAL A 175 -11.66 5.34 -11.62
CA VAL A 175 -10.95 6.21 -10.68
C VAL A 175 -9.93 7.07 -11.45
N GLN A 176 -9.62 8.26 -10.93
CA GLN A 176 -8.65 9.18 -11.51
C GLN A 176 -7.57 9.45 -10.47
N LEU A 177 -6.31 9.46 -10.88
CA LEU A 177 -5.21 9.76 -9.97
C LEU A 177 -5.24 11.28 -9.72
N LYS A 178 -5.31 11.68 -8.45
CA LYS A 178 -5.43 13.09 -8.07
C LYS A 178 -4.34 13.97 -8.67
N SER A 179 -3.07 13.51 -8.66
CA SER A 179 -1.91 14.25 -9.17
C SER A 179 -1.78 14.31 -10.72
N GLU A 180 -2.50 13.47 -11.48
CA GLU A 180 -2.46 13.46 -12.95
C GLU A 180 -3.87 13.18 -13.49
N GLU A 181 -4.62 14.23 -13.86
CA GLU A 181 -6.01 14.04 -14.31
C GLU A 181 -6.15 13.35 -15.69
N SER A 182 -5.04 13.24 -16.51
CA SER A 182 -5.12 12.47 -17.75
C SER A 182 -5.13 10.94 -17.44
N LYS A 183 -4.61 10.54 -16.25
CA LYS A 183 -4.52 9.14 -15.82
C LYS A 183 -5.78 8.61 -15.09
N THR A 184 -6.58 7.77 -15.76
CA THR A 184 -7.74 7.10 -15.19
C THR A 184 -7.55 5.58 -15.23
N PHE A 185 -8.14 4.86 -14.25
CA PHE A 185 -8.00 3.41 -14.10
C PHE A 185 -9.34 2.80 -13.75
N ALA A 186 -9.52 1.49 -13.98
CA ALA A 186 -10.73 0.79 -13.58
C ALA A 186 -10.41 0.13 -12.22
N MET A 187 -11.01 0.61 -11.13
CA MET A 187 -10.77 0.05 -9.80
C MET A 187 -11.85 -1.05 -9.45
N LYS A 188 -11.47 -2.34 -9.47
CA LYS A 188 -12.39 -3.40 -9.05
C LYS A 188 -12.35 -3.49 -7.50
N ILE A 189 -13.48 -3.19 -6.82
CA ILE A 189 -13.60 -3.19 -5.36
C ILE A 189 -14.41 -4.40 -4.94
N LEU A 190 -13.74 -5.40 -4.36
CA LEU A 190 -14.36 -6.67 -3.96
C LEU A 190 -14.69 -6.72 -2.49
N LYS A 191 -15.90 -7.19 -2.13
CA LYS A 191 -16.27 -7.38 -0.71
C LYS A 191 -15.56 -8.65 -0.24
N LYS A 192 -14.71 -8.57 0.81
CA LYS A 192 -13.98 -9.75 1.32
C LYS A 192 -14.92 -10.83 1.86
N ARG A 193 -16.07 -10.39 2.37
CA ARG A 193 -17.12 -11.25 2.88
C ARG A 193 -17.71 -12.17 1.78
N HIS A 194 -17.95 -11.65 0.54
CA HIS A 194 -18.47 -12.41 -0.61
C HIS A 194 -17.46 -13.48 -1.06
N ILE A 195 -16.17 -13.13 -1.06
CA ILE A 195 -15.07 -14.04 -1.39
C ILE A 195 -15.02 -15.21 -0.38
N VAL A 196 -15.16 -14.90 0.91
CA VAL A 196 -15.12 -15.90 1.98
C VAL A 196 -16.37 -16.79 1.90
N ASP A 197 -17.58 -16.19 1.67
CA ASP A 197 -18.84 -16.96 1.55
C ASP A 197 -18.84 -17.91 0.33
N THR A 198 -18.15 -17.52 -0.75
CA THR A 198 -18.04 -18.34 -1.97
C THR A 198 -16.78 -19.24 -1.98
N ARG A 199 -15.91 -19.17 -0.93
CA ARG A 199 -14.66 -19.94 -0.85
C ARG A 199 -13.70 -19.66 -2.03
N GLN A 200 -13.55 -18.37 -2.42
CA GLN A 200 -12.70 -17.96 -3.52
C GLN A 200 -11.37 -17.32 -3.03
N GLN A 201 -10.97 -17.59 -1.79
CA GLN A 201 -9.75 -16.99 -1.25
C GLN A 201 -8.56 -17.26 -2.14
N GLU A 202 -8.32 -18.53 -2.54
CA GLU A 202 -7.20 -18.91 -3.43
C GLU A 202 -7.43 -18.45 -4.87
N HIS A 203 -8.69 -18.48 -5.35
CA HIS A 203 -9.08 -17.99 -6.67
C HIS A 203 -8.68 -16.53 -6.87
N ILE A 204 -8.97 -15.66 -5.89
CA ILE A 204 -8.64 -14.23 -5.95
C ILE A 204 -7.14 -14.04 -5.75
N ARG A 205 -6.49 -14.91 -4.96
CA ARG A 205 -5.03 -14.86 -4.72
C ARG A 205 -4.22 -15.15 -6.02
N SER A 206 -4.61 -16.18 -6.81
CA SER A 206 -3.97 -16.50 -8.11
C SER A 206 -4.35 -15.49 -9.20
N GLU A 207 -5.57 -14.89 -9.08
CA GLU A 207 -6.00 -13.84 -10.00
C GLU A 207 -5.00 -12.69 -9.92
N LYS A 208 -4.62 -12.27 -8.70
CA LYS A 208 -3.66 -11.18 -8.42
C LYS A 208 -2.28 -11.54 -8.98
N GLN A 209 -1.79 -12.74 -8.67
CA GLN A 209 -0.50 -13.24 -9.18
C GLN A 209 -0.49 -13.25 -10.73
N ILE A 210 -1.54 -13.83 -11.39
CA ILE A 210 -1.61 -13.92 -12.86
C ILE A 210 -1.75 -12.56 -13.54
N MET A 211 -2.75 -11.80 -13.14
CA MET A 211 -3.05 -10.53 -13.78
C MET A 211 -1.92 -9.50 -13.68
N GLN A 212 -1.19 -9.45 -12.53
CA GLN A 212 -0.04 -8.53 -12.34
C GLN A 212 1.18 -8.91 -13.17
N GLY A 213 1.49 -10.21 -13.24
CA GLY A 213 2.62 -10.70 -14.00
C GLY A 213 2.39 -10.73 -15.49
N ALA A 214 1.12 -10.66 -15.95
CA ALA A 214 0.82 -10.70 -17.38
C ALA A 214 1.03 -9.36 -18.07
N HIS A 215 1.75 -9.36 -19.23
CA HIS A 215 2.02 -8.18 -20.06
C HIS A 215 1.63 -8.49 -21.49
N SER A 216 0.34 -8.36 -21.77
CA SER A 216 -0.20 -8.63 -23.11
C SER A 216 -1.12 -7.48 -23.50
N ASP A 217 -1.09 -7.08 -24.76
CA ASP A 217 -1.99 -6.02 -25.24
C ASP A 217 -3.43 -6.57 -25.40
N PHE A 218 -3.62 -7.90 -25.31
CA PHE A 218 -4.92 -8.55 -25.37
C PHE A 218 -5.42 -8.97 -23.96
N ILE A 219 -4.76 -8.50 -22.88
CA ILE A 219 -5.17 -8.76 -21.49
C ILE A 219 -5.15 -7.40 -20.73
N VAL A 220 -6.21 -7.13 -19.97
CA VAL A 220 -6.30 -5.91 -19.15
C VAL A 220 -5.17 -5.95 -18.07
N ARG A 221 -4.31 -4.89 -18.00
CA ARG A 221 -3.25 -4.82 -16.99
C ARG A 221 -3.82 -4.66 -15.56
N LEU A 222 -3.13 -5.23 -14.56
CA LEU A 222 -3.41 -5.09 -13.13
C LEU A 222 -2.11 -4.50 -12.57
N TYR A 223 -2.13 -3.23 -12.20
CA TYR A 223 -0.94 -2.49 -11.74
C TYR A 223 -0.57 -2.87 -10.30
N ARG A 224 -1.57 -2.81 -9.41
CA ARG A 224 -1.38 -3.18 -8.01
C ARG A 224 -2.72 -3.42 -7.39
N THR A 225 -2.69 -3.83 -6.12
CA THR A 225 -3.87 -4.00 -5.30
C THR A 225 -3.71 -3.20 -4.00
N PHE A 226 -4.82 -2.97 -3.32
CA PHE A 226 -4.90 -2.38 -2.00
C PHE A 226 -5.85 -3.27 -1.19
N LYS A 227 -5.97 -2.99 0.10
CA LYS A 227 -6.87 -3.72 0.99
C LYS A 227 -7.17 -2.87 2.23
N ASP A 228 -8.30 -3.13 2.85
CA ASP A 228 -8.68 -2.58 4.14
C ASP A 228 -9.43 -3.70 4.85
N SER A 229 -10.10 -3.46 5.97
CA SER A 229 -10.79 -4.51 6.72
C SER A 229 -11.98 -5.15 6.01
N LYS A 230 -12.59 -4.46 5.04
CA LYS A 230 -13.79 -4.92 4.36
C LYS A 230 -13.58 -5.32 2.88
N TYR A 231 -12.73 -4.60 2.14
CA TYR A 231 -12.57 -4.86 0.71
C TYR A 231 -11.16 -5.10 0.22
N LEU A 232 -11.06 -5.70 -0.96
CA LEU A 232 -9.82 -5.83 -1.74
C LEU A 232 -10.02 -4.88 -2.93
N TYR A 233 -8.97 -4.18 -3.35
CA TYR A 233 -9.02 -3.20 -4.45
C TYR A 233 -8.08 -3.64 -5.53
N MET A 234 -8.52 -3.72 -6.77
CA MET A 234 -7.62 -4.10 -7.84
C MET A 234 -7.56 -2.95 -8.85
N LEU A 235 -6.38 -2.27 -8.95
CA LEU A 235 -6.13 -1.12 -9.84
C LEU A 235 -5.76 -1.60 -11.24
N MET A 236 -6.69 -1.45 -12.19
CA MET A 236 -6.51 -1.97 -13.54
C MET A 236 -6.50 -0.91 -14.57
N GLU A 237 -6.15 -1.32 -15.79
CA GLU A 237 -6.16 -0.44 -16.95
C GLU A 237 -7.64 -0.12 -17.31
N ALA A 238 -7.94 1.16 -17.54
CA ALA A 238 -9.29 1.58 -17.92
C ALA A 238 -9.47 1.32 -19.43
N CYS A 239 -10.50 0.56 -19.81
CA CYS A 239 -10.82 0.19 -21.18
C CYS A 239 -12.21 0.76 -21.43
N LEU A 240 -12.25 1.98 -21.99
CA LEU A 240 -13.47 2.77 -22.10
C LEU A 240 -14.34 2.56 -23.36
N GLY A 241 -14.06 1.54 -24.17
CA GLY A 241 -14.88 1.22 -25.34
C GLY A 241 -16.19 0.53 -24.99
N GLY A 242 -16.24 -0.11 -23.82
CA GLY A 242 -17.45 -0.77 -23.32
C GLY A 242 -17.36 -2.28 -23.22
N GLU A 243 -18.35 -2.86 -22.55
CA GLU A 243 -18.47 -4.30 -22.34
C GLU A 243 -18.87 -4.99 -23.65
N LEU A 244 -18.22 -6.11 -24.02
CA LEU A 244 -18.63 -6.79 -25.23
C LEU A 244 -20.05 -7.43 -25.04
N TRP A 245 -20.40 -7.84 -23.80
CA TRP A 245 -21.72 -8.44 -23.54
C TRP A 245 -22.88 -7.43 -23.75
N THR A 246 -22.69 -6.11 -23.41
CA THR A 246 -23.73 -5.09 -23.60
C THR A 246 -23.84 -4.72 -25.08
N ILE A 247 -22.69 -4.67 -25.79
CA ILE A 247 -22.66 -4.38 -27.23
C ILE A 247 -23.31 -5.58 -27.95
N LEU A 248 -23.00 -6.83 -27.54
CA LEU A 248 -23.63 -8.02 -28.12
C LEU A 248 -25.16 -8.01 -27.86
N ARG A 249 -25.59 -7.67 -26.62
CA ARG A 249 -27.01 -7.54 -26.24
C ARG A 249 -27.72 -6.49 -27.14
N ASP A 250 -27.12 -5.29 -27.27
CA ASP A 250 -27.66 -4.19 -28.07
C ASP A 250 -27.78 -4.52 -29.56
N ARG A 251 -26.83 -5.34 -30.10
CA ARG A 251 -26.78 -5.72 -31.51
C ARG A 251 -27.44 -7.08 -31.85
N GLY A 252 -27.67 -7.93 -30.87
CA GLY A 252 -28.28 -9.26 -31.08
C GLY A 252 -27.25 -10.31 -31.39
N SER A 253 -26.54 -10.13 -32.49
CA SER A 253 -25.42 -10.97 -32.91
C SER A 253 -24.45 -10.13 -33.73
N PHE A 254 -23.23 -10.65 -33.95
CA PHE A 254 -22.19 -9.96 -34.71
C PHE A 254 -22.00 -10.63 -36.06
N GLU A 255 -21.58 -9.85 -37.09
CA GLU A 255 -21.28 -10.36 -38.43
C GLU A 255 -20.05 -11.27 -38.36
N ASP A 256 -19.85 -12.05 -39.40
CA ASP A 256 -18.73 -12.99 -39.51
C ASP A 256 -17.37 -12.29 -39.32
N SER A 257 -17.13 -11.18 -40.06
CA SER A 257 -15.87 -10.41 -39.97
C SER A 257 -15.69 -9.74 -38.59
N THR A 258 -16.80 -9.29 -37.97
CA THR A 258 -16.76 -8.69 -36.63
C THR A 258 -16.34 -9.71 -35.61
N THR A 259 -17.00 -10.90 -35.65
CA THR A 259 -16.70 -12.00 -34.74
C THR A 259 -15.27 -12.47 -34.91
N ARG A 260 -14.78 -12.51 -36.15
CA ARG A 260 -13.41 -12.90 -36.47
C ARG A 260 -12.35 -12.03 -35.80
N PHE A 261 -12.54 -10.70 -35.81
CA PHE A 261 -11.59 -9.80 -35.14
C PHE A 261 -11.56 -10.06 -33.62
N TYR A 262 -12.75 -10.22 -32.98
CA TYR A 262 -12.80 -10.48 -31.52
C TYR A 262 -12.26 -11.86 -31.18
N THR A 263 -12.54 -12.88 -32.01
CA THR A 263 -11.99 -14.22 -31.78
C THR A 263 -10.46 -14.14 -31.90
N ALA A 264 -9.95 -13.40 -32.91
CA ALA A 264 -8.50 -13.24 -33.08
C ALA A 264 -7.84 -12.59 -31.85
N CYS A 265 -8.50 -11.59 -31.19
CA CYS A 265 -7.99 -10.95 -29.96
C CYS A 265 -7.82 -12.01 -28.85
N VAL A 266 -8.83 -12.89 -28.66
CA VAL A 266 -8.77 -13.97 -27.66
C VAL A 266 -7.63 -14.96 -28.01
N VAL A 267 -7.48 -15.32 -29.29
CA VAL A 267 -6.42 -16.23 -29.75
C VAL A 267 -5.01 -15.67 -29.37
N GLU A 268 -4.82 -14.35 -29.48
CA GLU A 268 -3.57 -13.74 -29.08
C GLU A 268 -3.38 -13.81 -27.55
N ALA A 269 -4.45 -13.49 -26.78
CA ALA A 269 -4.42 -13.57 -25.32
C ALA A 269 -4.13 -15.00 -24.86
N PHE A 270 -4.77 -15.98 -25.49
CA PHE A 270 -4.53 -17.40 -25.19
C PHE A 270 -3.13 -17.84 -25.60
N ALA A 271 -2.61 -17.39 -26.76
CA ALA A 271 -1.24 -17.74 -27.18
C ALA A 271 -0.24 -17.26 -26.09
N TYR A 272 -0.47 -16.09 -25.51
CA TYR A 272 0.35 -15.57 -24.41
C TYR A 272 0.20 -16.38 -23.09
N LEU A 273 -1.07 -16.62 -22.65
CA LEU A 273 -1.33 -17.36 -21.40
C LEU A 273 -0.85 -18.80 -21.51
N HIS A 274 -1.10 -19.46 -22.66
CA HIS A 274 -0.69 -20.86 -22.86
C HIS A 274 0.82 -20.97 -22.93
N SER A 275 1.54 -19.90 -23.42
CA SER A 275 2.99 -19.86 -23.40
C SER A 275 3.58 -19.91 -21.98
N LYS A 276 2.83 -19.42 -20.99
CA LYS A 276 3.22 -19.42 -19.57
C LYS A 276 2.60 -20.59 -18.75
N GLY A 277 1.95 -21.55 -19.41
CA GLY A 277 1.31 -22.67 -18.74
C GLY A 277 0.09 -22.29 -17.92
N ILE A 278 -0.64 -21.24 -18.34
CA ILE A 278 -1.82 -20.75 -17.64
C ILE A 278 -3.07 -21.10 -18.42
N ILE A 279 -4.06 -21.74 -17.76
CA ILE A 279 -5.37 -22.04 -18.35
C ILE A 279 -6.24 -20.84 -17.94
N TYR A 280 -7.04 -20.25 -18.85
CA TYR A 280 -7.94 -19.13 -18.55
C TYR A 280 -9.27 -19.64 -17.87
N ARG A 281 -9.93 -20.65 -18.49
CA ARG A 281 -11.18 -21.29 -18.03
C ARG A 281 -12.46 -20.42 -17.95
N ASP A 282 -12.44 -19.09 -18.06
CA ASP A 282 -13.69 -18.33 -17.90
C ASP A 282 -14.15 -17.57 -19.15
N LEU A 283 -13.86 -18.09 -20.35
CA LEU A 283 -14.23 -17.37 -21.58
C LEU A 283 -15.71 -17.33 -21.86
N LYS A 284 -16.23 -16.11 -22.02
CA LYS A 284 -17.61 -15.79 -22.38
C LYS A 284 -17.64 -14.30 -22.72
N PRO A 285 -18.70 -13.77 -23.39
CA PRO A 285 -18.67 -12.33 -23.76
C PRO A 285 -18.48 -11.35 -22.59
N GLU A 286 -18.87 -11.74 -21.36
CA GLU A 286 -18.72 -10.94 -20.14
C GLU A 286 -17.24 -10.77 -19.74
N ASN A 287 -16.35 -11.66 -20.22
CA ASN A 287 -14.91 -11.58 -19.92
C ASN A 287 -14.11 -10.71 -20.90
N LEU A 288 -14.78 -10.09 -21.89
CA LEU A 288 -14.14 -9.25 -22.87
C LEU A 288 -14.59 -7.80 -22.76
N ILE A 289 -13.62 -6.88 -22.80
CA ILE A 289 -13.88 -5.44 -22.71
C ILE A 289 -13.15 -4.76 -23.88
N LEU A 290 -13.78 -3.75 -24.50
CA LEU A 290 -13.12 -3.01 -25.57
C LEU A 290 -12.45 -1.78 -24.99
N ASP A 291 -11.28 -1.44 -25.51
CA ASP A 291 -10.57 -0.20 -25.14
C ASP A 291 -11.15 0.91 -26.05
N HIS A 292 -10.65 2.14 -25.93
CA HIS A 292 -11.13 3.29 -26.72
C HIS A 292 -10.97 3.13 -28.27
N ARG A 293 -10.07 2.27 -28.76
CA ARG A 293 -9.87 2.02 -30.20
C ARG A 293 -10.86 0.95 -30.76
N GLY A 294 -11.37 0.08 -29.88
CA GLY A 294 -12.26 -1.01 -30.25
C GLY A 294 -11.56 -2.36 -30.24
N TYR A 295 -10.32 -2.42 -29.66
CA TYR A 295 -9.58 -3.66 -29.50
C TYR A 295 -10.10 -4.36 -28.24
N ALA A 296 -10.30 -5.69 -28.28
CA ALA A 296 -10.82 -6.48 -27.15
C ALA A 296 -9.70 -7.07 -26.26
N LYS A 297 -9.94 -7.12 -24.93
CA LYS A 297 -9.00 -7.65 -23.94
C LYS A 297 -9.72 -8.53 -22.91
N LEU A 298 -9.04 -9.58 -22.38
CA LEU A 298 -9.60 -10.45 -21.33
C LEU A 298 -9.53 -9.64 -20.06
N VAL A 299 -10.62 -9.63 -19.25
CA VAL A 299 -10.67 -8.80 -18.05
C VAL A 299 -10.64 -9.55 -16.71
N ASP A 300 -11.25 -10.71 -16.59
CA ASP A 300 -11.43 -11.37 -15.28
C ASP A 300 -10.64 -12.71 -15.16
N PHE A 301 -9.71 -12.78 -14.18
CA PHE A 301 -8.84 -13.96 -13.95
C PHE A 301 -9.19 -14.73 -12.64
N GLY A 302 -10.48 -14.83 -12.37
CA GLY A 302 -10.97 -15.56 -11.20
C GLY A 302 -10.75 -17.05 -11.30
N PHE A 303 -11.09 -17.66 -12.46
CA PHE A 303 -10.92 -19.12 -12.63
C PHE A 303 -9.56 -19.53 -13.24
N ALA A 304 -8.73 -18.58 -13.70
CA ALA A 304 -7.43 -18.89 -14.31
C ALA A 304 -6.50 -19.63 -13.35
N LYS A 305 -5.66 -20.55 -13.89
CA LYS A 305 -4.73 -21.31 -13.05
C LYS A 305 -3.43 -21.68 -13.74
N LYS A 306 -2.28 -21.46 -13.01
CA LYS A 306 -0.92 -21.80 -13.45
C LYS A 306 -0.73 -23.28 -13.24
N ILE A 307 -0.50 -24.02 -14.32
CA ILE A 307 -0.36 -25.48 -14.28
C ILE A 307 1.03 -25.86 -14.84
N GLY A 308 1.57 -26.98 -14.38
CA GLY A 308 2.86 -27.48 -14.84
C GLY A 308 2.75 -28.12 -16.21
N PHE A 309 3.83 -28.06 -16.99
CA PHE A 309 3.85 -28.66 -18.31
C PHE A 309 3.71 -30.21 -18.18
N GLY A 310 2.68 -30.76 -18.82
CA GLY A 310 2.38 -32.18 -18.74
C GLY A 310 1.56 -32.61 -17.55
N LYS A 311 0.95 -31.65 -16.86
CA LYS A 311 0.11 -31.92 -15.70
C LYS A 311 -1.33 -31.44 -16.01
N LYS A 312 -2.32 -31.93 -15.22
CA LYS A 312 -3.74 -31.57 -15.35
C LYS A 312 -4.25 -30.99 -14.05
N THR A 313 -5.45 -30.36 -14.11
CA THR A 313 -6.19 -29.85 -12.95
C THR A 313 -7.54 -30.47 -12.99
N TRP A 314 -8.23 -30.42 -11.85
CA TRP A 314 -9.50 -31.13 -11.66
C TRP A 314 -10.63 -30.32 -11.05
N PHE A 316 -13.93 -28.41 -10.73
CA PHE A 316 -15.14 -28.24 -11.54
C PHE A 316 -15.59 -26.81 -11.32
N CYS A 317 -15.42 -25.95 -12.33
N CYS A 317 -15.37 -25.93 -12.31
CA CYS A 317 -15.75 -24.52 -12.26
CA CYS A 317 -15.70 -24.49 -12.26
C CYS A 317 -16.35 -24.01 -13.56
C CYS A 317 -16.40 -24.02 -13.54
N GLY A 318 -16.85 -22.78 -13.52
CA GLY A 318 -17.39 -22.07 -14.68
C GLY A 318 -18.86 -22.13 -14.91
N THR A 319 -19.34 -21.20 -15.76
CA THR A 319 -20.75 -21.10 -16.19
C THR A 319 -21.04 -22.36 -17.04
N PRO A 320 -22.13 -23.13 -16.73
CA PRO A 320 -22.33 -24.45 -17.40
C PRO A 320 -22.25 -24.53 -18.93
N GLU A 321 -22.74 -23.50 -19.65
CA GLU A 321 -22.75 -23.43 -21.13
C GLU A 321 -21.34 -23.46 -21.73
N TYR A 322 -20.32 -23.02 -20.96
CA TYR A 322 -18.94 -22.92 -21.46
C TYR A 322 -18.00 -24.00 -20.91
N VAL A 323 -18.52 -24.98 -20.14
CA VAL A 323 -17.69 -26.01 -19.53
C VAL A 323 -17.40 -27.11 -20.56
N ALA A 324 -16.13 -27.50 -20.69
CA ALA A 324 -15.67 -28.52 -21.62
C ALA A 324 -16.06 -29.91 -21.12
N PRO A 325 -16.23 -30.92 -22.02
CA PRO A 325 -16.65 -32.25 -21.55
C PRO A 325 -15.74 -32.92 -20.52
N GLU A 326 -14.40 -32.73 -20.63
CA GLU A 326 -13.44 -33.33 -19.70
C GLU A 326 -13.57 -32.75 -18.27
N ILE A 327 -14.14 -31.55 -18.13
CA ILE A 327 -14.38 -30.93 -16.84
C ILE A 327 -15.64 -31.60 -16.23
N ILE A 328 -16.70 -31.79 -17.04
CA ILE A 328 -17.95 -32.45 -16.62
C ILE A 328 -17.66 -33.87 -16.15
N LEU A 329 -16.86 -34.61 -16.95
CA LEU A 329 -16.53 -36.02 -16.68
C LEU A 329 -15.41 -36.23 -15.65
N ASN A 330 -14.82 -35.15 -15.08
CA ASN A 330 -13.76 -35.25 -14.08
C ASN A 330 -12.59 -36.15 -14.55
N LYS A 331 -12.10 -35.88 -15.77
CA LYS A 331 -10.98 -36.60 -16.39
C LYS A 331 -9.71 -35.75 -16.33
N GLY A 332 -9.79 -34.60 -15.67
CA GLY A 332 -8.67 -33.68 -15.60
C GLY A 332 -8.66 -32.81 -16.85
N HIS A 333 -8.18 -31.57 -16.72
CA HIS A 333 -8.10 -30.67 -17.86
C HIS A 333 -6.82 -29.82 -17.84
N ASP A 334 -6.47 -29.30 -19.01
CA ASP A 334 -5.28 -28.46 -19.23
C ASP A 334 -5.68 -27.28 -20.14
N ILE A 335 -4.71 -26.60 -20.78
CA ILE A 335 -4.97 -25.45 -21.67
C ILE A 335 -5.93 -25.78 -22.85
N SER A 336 -6.11 -27.05 -23.23
CA SER A 336 -7.00 -27.41 -24.34
C SER A 336 -8.49 -27.15 -24.05
N ALA A 337 -8.89 -26.92 -22.78
CA ALA A 337 -10.26 -26.59 -22.44
C ALA A 337 -10.55 -25.16 -22.89
N ASP A 338 -9.50 -24.33 -23.07
CA ASP A 338 -9.67 -22.98 -23.60
C ASP A 338 -9.98 -22.99 -25.10
N TYR A 339 -9.48 -24.00 -25.87
CA TYR A 339 -9.80 -24.10 -27.31
C TYR A 339 -11.27 -24.49 -27.47
N TRP A 340 -11.79 -25.38 -26.58
CA TRP A 340 -13.23 -25.70 -26.55
C TRP A 340 -14.03 -24.37 -26.34
N SER A 341 -13.66 -23.60 -25.29
CA SER A 341 -14.35 -22.35 -24.96
C SER A 341 -14.40 -21.36 -26.14
N LEU A 342 -13.29 -21.24 -26.88
CA LEU A 342 -13.13 -20.43 -28.10
C LEU A 342 -14.20 -20.79 -29.19
N GLY A 343 -14.46 -22.09 -29.36
CA GLY A 343 -15.52 -22.58 -30.24
C GLY A 343 -16.91 -22.17 -29.77
N ILE A 344 -17.17 -22.24 -28.45
CA ILE A 344 -18.45 -21.82 -27.82
C ILE A 344 -18.67 -20.29 -28.02
N LEU A 345 -17.59 -19.50 -27.84
CA LEU A 345 -17.64 -18.04 -28.01
C LEU A 345 -17.96 -17.68 -29.47
N MET A 346 -17.30 -18.31 -30.44
CA MET A 346 -17.58 -18.01 -31.85
C MET A 346 -19.07 -18.17 -32.14
N TYR A 347 -19.63 -19.32 -31.73
CA TYR A 347 -21.03 -19.68 -31.91
C TYR A 347 -21.96 -18.65 -31.24
N GLU A 348 -21.71 -18.27 -29.98
CA GLU A 348 -22.57 -17.29 -29.32
C GLU A 348 -22.46 -15.91 -29.97
N LEU A 349 -21.24 -15.47 -30.34
CA LEU A 349 -21.10 -14.14 -30.98
C LEU A 349 -21.81 -14.08 -32.37
N LEU A 350 -21.76 -15.18 -33.13
CA LEU A 350 -22.37 -15.23 -34.47
C LEU A 350 -23.90 -15.34 -34.44
N THR A 351 -24.49 -15.97 -33.38
CA THR A 351 -25.94 -16.24 -33.28
C THR A 351 -26.70 -15.57 -32.13
N GLY A 352 -25.99 -15.04 -31.14
CA GLY A 352 -26.61 -14.45 -29.97
C GLY A 352 -26.82 -15.42 -28.81
N SER A 353 -26.61 -16.74 -29.03
CA SER A 353 -26.80 -17.75 -27.96
C SER A 353 -25.71 -18.82 -28.07
N PRO A 354 -25.19 -19.38 -26.94
CA PRO A 354 -24.23 -20.46 -27.06
C PRO A 354 -24.95 -21.74 -27.52
N PRO A 355 -24.22 -22.76 -28.01
CA PRO A 355 -24.90 -23.92 -28.60
C PRO A 355 -25.58 -24.89 -27.65
N PHE A 356 -25.03 -25.04 -26.45
CA PHE A 356 -25.54 -25.99 -25.47
C PHE A 356 -26.20 -25.26 -24.30
N SER A 357 -27.51 -25.46 -24.08
CA SER A 357 -28.20 -24.81 -22.96
C SER A 357 -29.49 -25.55 -22.58
N GLY A 358 -29.54 -26.03 -21.34
CA GLY A 358 -30.69 -26.69 -20.75
C GLY A 358 -31.26 -25.83 -19.65
N PRO A 359 -32.37 -26.26 -19.01
CA PRO A 359 -32.99 -25.43 -17.95
C PRO A 359 -32.26 -25.40 -16.59
N ASP A 360 -31.15 -26.12 -16.42
CA ASP A 360 -30.38 -26.07 -15.18
C ASP A 360 -28.96 -26.60 -15.47
N PRO A 361 -27.97 -26.51 -14.55
CA PRO A 361 -26.61 -26.99 -14.87
C PRO A 361 -26.53 -28.43 -15.36
N MET A 362 -27.13 -29.38 -14.63
CA MET A 362 -27.10 -30.81 -14.98
C MET A 362 -27.66 -31.06 -16.37
N LYS A 363 -28.78 -30.40 -16.72
CA LYS A 363 -29.37 -30.53 -18.04
C LYS A 363 -28.49 -29.92 -19.13
N THR A 364 -27.82 -28.79 -18.85
CA THR A 364 -26.86 -28.17 -19.76
C THR A 364 -25.66 -29.11 -19.95
N TYR A 365 -25.15 -29.73 -18.87
CA TYR A 365 -24.03 -30.67 -18.99
C TYR A 365 -24.41 -31.87 -19.85
N ASN A 366 -25.67 -32.37 -19.77
CA ASN A 366 -26.12 -33.52 -20.56
C ASN A 366 -26.04 -33.24 -22.06
N ILE A 367 -26.46 -32.05 -22.53
CA ILE A 367 -26.42 -31.71 -23.97
C ILE A 367 -24.96 -31.48 -24.49
N ILE A 368 -24.06 -30.97 -23.60
CA ILE A 368 -22.63 -30.81 -23.90
C ILE A 368 -22.02 -32.19 -24.16
N LEU A 369 -22.32 -33.18 -23.30
CA LEU A 369 -21.78 -34.53 -23.45
C LEU A 369 -22.24 -35.22 -24.74
N ARG A 370 -23.38 -34.77 -25.31
CA ARG A 370 -23.90 -35.25 -26.58
C ARG A 370 -23.02 -34.73 -27.76
N GLY A 371 -22.34 -33.59 -27.57
CA GLY A 371 -21.35 -33.05 -28.50
C GLY A 371 -21.78 -32.08 -29.59
N ILE A 372 -20.76 -31.44 -30.20
CA ILE A 372 -20.93 -30.43 -31.28
C ILE A 372 -21.45 -31.07 -32.59
N ASP A 373 -21.14 -32.35 -32.86
CA ASP A 373 -21.63 -33.00 -34.08
C ASP A 373 -23.12 -33.35 -34.00
N MET A 374 -23.76 -33.20 -32.82
CA MET A 374 -25.19 -33.46 -32.62
C MET A 374 -26.04 -32.17 -32.74
N ILE A 375 -25.40 -31.01 -32.99
CA ILE A 375 -26.07 -29.72 -33.15
C ILE A 375 -26.33 -29.43 -34.64
N GLU A 376 -27.52 -28.86 -34.94
CA GLU A 376 -27.93 -28.38 -36.27
C GLU A 376 -27.46 -26.90 -36.30
N PHE A 377 -26.35 -26.61 -37.00
CA PHE A 377 -25.80 -25.26 -37.02
C PHE A 377 -26.71 -24.28 -37.75
N PRO A 378 -27.08 -23.12 -37.15
CA PRO A 378 -27.92 -22.15 -37.86
C PRO A 378 -27.37 -21.75 -39.22
N LYS A 379 -28.28 -21.42 -40.14
CA LYS A 379 -27.97 -21.02 -41.51
C LYS A 379 -27.03 -19.78 -41.51
N LYS A 380 -27.18 -18.93 -40.46
CA LYS A 380 -26.40 -17.71 -40.20
C LYS A 380 -24.88 -17.98 -40.17
N ILE A 381 -24.47 -19.13 -39.59
CA ILE A 381 -23.04 -19.47 -39.45
C ILE A 381 -22.47 -19.93 -40.78
N ALA A 382 -21.45 -19.21 -41.29
CA ALA A 382 -20.75 -19.53 -42.55
C ALA A 382 -20.00 -20.86 -42.42
N LYS A 383 -19.85 -21.58 -43.52
CA LYS A 383 -19.22 -22.90 -43.59
C LYS A 383 -17.86 -22.98 -42.90
N ASN A 384 -16.97 -22.01 -43.17
CA ASN A 384 -15.64 -21.96 -42.57
C ASN A 384 -15.70 -21.73 -41.07
N ALA A 385 -16.66 -20.88 -40.63
CA ALA A 385 -16.88 -20.63 -39.20
C ALA A 385 -17.40 -21.93 -38.53
N ALA A 386 -18.36 -22.63 -39.16
CA ALA A 386 -18.90 -23.89 -38.62
C ALA A 386 -17.83 -24.99 -38.55
N ASN A 387 -16.99 -25.06 -39.55
CA ASN A 387 -15.90 -26.02 -39.63
C ASN A 387 -14.88 -25.77 -38.48
N LEU A 388 -14.54 -24.49 -38.22
CA LEU A 388 -13.60 -24.15 -37.14
C LEU A 388 -14.21 -24.45 -35.75
N ILE A 389 -15.50 -24.14 -35.57
CA ILE A 389 -16.20 -24.41 -34.30
C ILE A 389 -16.15 -25.93 -34.02
N LYS A 390 -16.46 -26.77 -35.02
CA LYS A 390 -16.46 -28.24 -34.81
C LYS A 390 -15.07 -28.78 -34.46
N LYS A 391 -14.00 -28.19 -35.05
CA LYS A 391 -12.61 -28.61 -34.76
C LYS A 391 -12.16 -28.14 -33.36
N LEU A 392 -12.60 -26.94 -32.94
CA LEU A 392 -12.33 -26.40 -31.60
C LEU A 392 -13.11 -27.15 -30.52
N CYS A 393 -14.34 -27.60 -30.83
CA CYS A 393 -15.17 -28.31 -29.88
C CYS A 393 -15.18 -29.82 -30.08
N ARG A 394 -14.00 -30.40 -30.42
CA ARG A 394 -13.91 -31.85 -30.47
C ARG A 394 -13.94 -32.34 -29.01
N ASP A 395 -14.72 -33.40 -28.78
CA ASP A 395 -15.00 -34.00 -27.48
C ASP A 395 -13.70 -34.43 -26.77
N ASN A 396 -12.81 -35.18 -27.47
CA ASN A 396 -11.52 -35.59 -26.90
C ASN A 396 -10.60 -34.35 -26.89
N PRO A 397 -10.13 -33.84 -25.71
CA PRO A 397 -9.19 -32.69 -25.72
C PRO A 397 -7.88 -32.91 -26.47
N SER A 398 -7.41 -34.18 -26.62
CA SER A 398 -6.17 -34.49 -27.35
C SER A 398 -6.26 -34.16 -28.84
N GLU A 399 -7.47 -34.35 -29.41
CA GLU A 399 -7.78 -34.19 -30.84
C GLU A 399 -8.22 -32.78 -31.22
N ARG A 400 -8.33 -31.90 -30.24
CA ARG A 400 -8.86 -30.57 -30.40
C ARG A 400 -7.89 -29.64 -31.10
N LEU A 401 -8.39 -28.81 -32.05
CA LEU A 401 -7.55 -27.83 -32.78
C LEU A 401 -6.96 -26.83 -31.82
N GLY A 402 -5.65 -26.60 -31.92
CA GLY A 402 -4.91 -25.72 -31.00
C GLY A 402 -4.02 -26.52 -30.07
N ASN A 403 -4.37 -27.82 -29.85
CA ASN A 403 -3.62 -28.75 -29.02
C ASN A 403 -2.92 -29.83 -29.91
N LEU A 404 -2.90 -29.64 -31.24
CA LEU A 404 -2.31 -30.60 -32.16
C LEU A 404 -0.83 -30.26 -32.43
N LYS A 405 -0.32 -30.55 -33.64
CA LYS A 405 1.08 -30.38 -34.03
C LYS A 405 1.68 -29.02 -33.70
N ASN A 406 1.11 -27.94 -34.25
CA ASN A 406 1.70 -26.61 -34.13
C ASN A 406 1.05 -25.71 -33.13
N GLY A 407 0.37 -26.27 -32.13
CA GLY A 407 -0.29 -25.47 -31.11
C GLY A 407 -1.31 -24.50 -31.69
N VAL A 408 -1.30 -23.27 -31.17
CA VAL A 408 -2.22 -22.20 -31.55
C VAL A 408 -2.08 -21.81 -33.05
N LYS A 409 -0.91 -22.07 -33.70
CA LYS A 409 -0.72 -21.79 -35.15
C LYS A 409 -1.74 -22.54 -36.00
N ASP A 410 -2.15 -23.76 -35.60
CA ASP A 410 -3.18 -24.49 -36.32
C ASP A 410 -4.53 -23.75 -36.30
N ILE A 411 -4.83 -22.96 -35.23
CA ILE A 411 -6.05 -22.13 -35.21
C ILE A 411 -5.80 -20.92 -36.14
N GLN A 412 -4.65 -20.22 -35.98
CA GLN A 412 -4.29 -19.07 -36.81
C GLN A 412 -4.27 -19.33 -38.31
N LYS A 413 -3.90 -20.55 -38.73
CA LYS A 413 -3.82 -20.96 -40.14
C LYS A 413 -5.14 -21.51 -40.70
N HIS A 414 -6.22 -21.56 -39.90
CA HIS A 414 -7.50 -22.10 -40.40
C HIS A 414 -8.08 -21.20 -41.50
N LYS A 415 -8.76 -21.83 -42.49
CA LYS A 415 -9.39 -21.18 -43.66
C LYS A 415 -10.25 -19.96 -43.29
N TRP A 416 -10.96 -20.00 -42.13
CA TRP A 416 -11.80 -18.88 -41.65
C TRP A 416 -10.99 -17.60 -41.51
N PHE A 417 -9.71 -17.71 -41.10
CA PHE A 417 -8.77 -16.59 -40.95
C PHE A 417 -7.98 -16.25 -42.22
N GLU A 418 -8.29 -16.87 -43.38
CA GLU A 418 -7.59 -16.53 -44.63
C GLU A 418 -7.90 -15.08 -44.95
N GLY A 419 -6.85 -14.28 -45.14
CA GLY A 419 -7.01 -12.86 -45.40
C GLY A 419 -6.91 -12.01 -44.14
N PHE A 420 -6.89 -12.64 -42.95
CA PHE A 420 -6.82 -11.93 -41.67
C PHE A 420 -5.39 -11.49 -41.42
N ASN A 421 -5.19 -10.20 -41.12
CA ASN A 421 -3.87 -9.62 -40.91
C ASN A 421 -3.46 -9.77 -39.45
N TRP A 422 -2.90 -10.95 -39.09
CA TRP A 422 -2.49 -11.21 -37.71
C TRP A 422 -1.46 -10.22 -37.20
N GLU A 423 -0.53 -9.83 -38.07
CA GLU A 423 0.57 -8.90 -37.74
C GLU A 423 0.04 -7.48 -37.49
N GLY A 424 -0.89 -7.04 -38.32
CA GLY A 424 -1.58 -5.76 -38.19
C GLY A 424 -2.35 -5.65 -36.89
N LEU A 425 -3.02 -6.77 -36.47
CA LEU A 425 -3.72 -6.86 -35.18
C LEU A 425 -2.68 -6.73 -34.05
N ARG A 426 -1.56 -7.50 -34.11
CA ARG A 426 -0.52 -7.42 -33.07
C ARG A 426 0.13 -6.01 -33.01
N LYS A 427 0.24 -5.33 -34.14
CA LYS A 427 0.82 -3.98 -34.17
C LYS A 427 -0.21 -2.91 -33.72
N GLY A 428 -1.49 -3.23 -33.84
CA GLY A 428 -2.57 -2.31 -33.48
C GLY A 428 -2.99 -1.41 -34.63
N THR A 429 -2.63 -1.79 -35.86
CA THR A 429 -2.95 -1.04 -37.07
C THR A 429 -4.13 -1.65 -37.86
N LEU A 430 -4.66 -2.82 -37.43
CA LEU A 430 -5.81 -3.42 -38.08
C LEU A 430 -7.06 -2.67 -37.56
N THR A 431 -7.91 -2.18 -38.48
CA THR A 431 -9.09 -1.40 -38.11
C THR A 431 -10.13 -2.31 -37.44
N PRO A 432 -10.55 -2.04 -36.16
CA PRO A 432 -11.55 -2.93 -35.53
C PRO A 432 -12.93 -2.80 -36.19
N PRO A 433 -13.82 -3.79 -35.97
CA PRO A 433 -15.15 -3.75 -36.61
C PRO A 433 -16.13 -2.72 -36.03
N ILE A 434 -16.01 -2.39 -34.73
CA ILE A 434 -16.88 -1.42 -34.07
C ILE A 434 -15.94 -0.38 -33.48
N ILE A 435 -16.04 0.87 -33.95
CA ILE A 435 -15.18 1.97 -33.50
C ILE A 435 -15.91 2.68 -32.35
N PRO A 436 -15.48 2.55 -31.07
CA PRO A 436 -16.19 3.29 -30.00
C PRO A 436 -15.84 4.77 -30.02
N SER A 437 -16.79 5.59 -29.56
CA SER A 437 -16.62 7.03 -29.45
C SER A 437 -16.30 7.33 -27.97
N VAL A 438 -15.04 7.76 -27.69
CA VAL A 438 -14.53 8.09 -26.35
C VAL A 438 -13.97 9.52 -26.40
N ALA A 439 -14.64 10.51 -25.79
CA ALA A 439 -14.16 11.92 -25.82
C ALA A 439 -13.00 12.24 -24.87
N SER A 440 -12.87 11.52 -23.74
CA SER A 440 -11.78 11.81 -22.79
C SER A 440 -11.54 10.63 -21.87
N PRO A 441 -10.45 10.64 -21.07
CA PRO A 441 -10.26 9.55 -20.08
C PRO A 441 -11.39 9.37 -19.03
N THR A 442 -12.32 10.35 -18.88
CA THR A 442 -13.45 10.26 -17.93
C THR A 442 -14.80 9.96 -18.62
N ASP A 443 -14.80 9.69 -19.94
CA ASP A 443 -16.02 9.42 -20.68
C ASP A 443 -16.46 7.97 -20.46
N THR A 444 -17.56 7.76 -19.73
CA THR A 444 -18.10 6.43 -19.44
C THR A 444 -19.42 6.23 -20.17
N SER A 445 -19.68 6.97 -21.27
CA SER A 445 -20.96 6.84 -22.00
C SER A 445 -21.12 5.50 -22.73
N ASN A 446 -20.04 4.68 -22.89
CA ASN A 446 -20.14 3.36 -23.53
C ASN A 446 -20.52 2.23 -22.53
N PHE A 447 -20.80 2.59 -21.27
CA PHE A 447 -21.24 1.67 -20.22
C PHE A 447 -22.67 2.00 -19.84
N ASP A 448 -23.34 1.04 -19.22
CA ASP A 448 -24.69 1.26 -18.69
C ASP A 448 -24.57 2.15 -17.46
N SER A 449 -25.70 2.72 -17.05
CA SER A 449 -25.77 3.57 -15.87
C SER A 449 -26.02 2.68 -14.64
N PHE A 450 -25.38 2.99 -13.52
CA PHE A 450 -25.55 2.21 -12.29
C PHE A 450 -25.93 3.14 -11.16
N PRO A 451 -26.84 2.72 -10.28
CA PRO A 451 -27.17 3.56 -9.13
C PRO A 451 -26.03 3.50 -8.10
N GLU A 452 -25.83 4.58 -7.32
CA GLU A 452 -24.83 4.57 -6.26
C GLU A 452 -25.21 3.52 -5.18
N ASP A 453 -24.26 2.94 -4.43
CA ASP A 453 -24.63 1.96 -3.40
C ASP A 453 -24.93 2.65 -2.07
N ASN A 454 -26.22 2.62 -1.68
CA ASN A 454 -26.72 3.22 -0.43
C ASN A 454 -26.74 2.19 0.72
N ASP A 455 -26.55 0.89 0.41
CA ASP A 455 -26.59 -0.19 1.41
C ASP A 455 -25.41 -0.13 2.42
N GLU A 456 -25.58 -0.85 3.54
CA GLU A 456 -24.60 -0.95 4.63
C GLU A 456 -23.32 -1.65 4.17
N PRO A 457 -22.14 -1.27 4.68
CA PRO A 457 -20.91 -1.99 4.29
C PRO A 457 -20.88 -3.44 4.80
N PRO A 458 -20.09 -4.34 4.15
CA PRO A 458 -20.02 -5.73 4.60
C PRO A 458 -19.22 -5.85 5.91
N PRO A 459 -19.30 -6.96 6.65
CA PRO A 459 -18.52 -7.05 7.90
C PRO A 459 -17.00 -7.06 7.70
N ASP A 460 -16.25 -6.65 8.75
CA ASP A 460 -14.80 -6.67 8.71
C ASP A 460 -14.31 -8.13 8.63
N ASP A 461 -13.20 -8.35 7.94
CA ASP A 461 -12.55 -9.64 7.83
C ASP A 461 -11.06 -9.39 8.08
N ASN A 462 -10.64 -9.62 9.33
CA ASN A 462 -9.26 -9.44 9.77
C ASN A 462 -8.52 -10.77 9.89
N SER A 463 -8.99 -11.86 9.20
CA SER A 463 -8.19 -13.09 9.11
C SER A 463 -7.19 -12.76 7.99
N GLY A 464 -5.94 -13.16 8.18
CA GLY A 464 -4.87 -12.82 7.25
C GLY A 464 -4.73 -13.59 5.96
N TRP A 465 -5.82 -14.09 5.31
CA TRP A 465 -5.66 -14.71 3.98
C TRP A 465 -5.30 -13.62 2.92
N ASP A 466 -5.72 -12.35 3.17
CA ASP A 466 -5.44 -11.20 2.29
C ASP A 466 -4.04 -10.56 2.51
N ILE A 467 -3.15 -11.20 3.32
CA ILE A 467 -1.80 -10.72 3.63
C ILE A 467 -1.04 -10.15 2.40
N ASP A 468 -1.08 -10.82 1.22
CA ASP A 468 -0.33 -10.35 0.02
C ASP A 468 -0.96 -9.16 -0.74
N PHE A 469 -2.25 -8.81 -0.49
CA PHE A 469 -2.92 -7.71 -1.19
C PHE A 469 -2.46 -6.33 -0.71
N GLY B 3 26.67 -23.31 1.28
CA GLY B 3 26.27 -24.61 0.74
C GLY B 3 24.85 -24.60 0.20
N LEU B 4 24.60 -25.20 -0.98
CA LEU B 4 23.26 -25.21 -1.60
C LEU B 4 22.21 -25.94 -0.73
N ILE B 5 22.56 -27.13 -0.20
CA ILE B 5 21.69 -27.89 0.70
C ILE B 5 21.44 -27.09 1.98
N LYS B 6 22.52 -26.65 2.63
CA LYS B 6 22.46 -25.91 3.90
C LYS B 6 21.69 -24.59 3.75
N HIS B 7 21.87 -23.91 2.59
CA HIS B 7 21.15 -22.67 2.31
C HIS B 7 19.63 -22.94 2.21
N THR B 8 19.23 -24.06 1.58
CA THR B 8 17.81 -24.41 1.47
C THR B 8 17.26 -24.82 2.83
N GLU B 9 18.04 -25.56 3.62
CA GLU B 9 17.66 -26.03 4.96
C GLU B 9 17.38 -24.82 5.89
N TYR B 10 18.28 -23.82 5.89
CA TYR B 10 18.13 -22.61 6.70
C TYR B 10 16.92 -21.80 6.23
N MET B 11 16.77 -21.60 4.89
CA MET B 11 15.62 -20.86 4.34
C MET B 11 14.27 -21.45 4.74
N GLU B 12 14.09 -22.78 4.60
CA GLU B 12 12.83 -23.44 5.01
C GLU B 12 12.68 -23.43 6.51
N PHE B 13 13.77 -23.69 7.26
CA PHE B 13 13.73 -23.62 8.72
C PHE B 13 13.27 -22.18 9.13
N LEU B 14 13.79 -21.08 8.50
CA LEU B 14 13.38 -19.70 8.85
C LEU B 14 11.88 -19.46 8.55
N LYS B 15 11.34 -20.04 7.46
CA LYS B 15 9.92 -19.89 7.16
C LYS B 15 9.01 -20.65 8.17
N SER B 16 9.53 -21.70 8.86
CA SER B 16 8.77 -22.44 9.89
C SER B 16 8.68 -21.62 11.20
N VAL B 17 9.53 -20.57 11.37
CA VAL B 17 9.52 -19.70 12.55
C VAL B 17 8.39 -18.69 12.38
N PRO B 18 7.42 -18.58 13.33
CA PRO B 18 6.31 -17.62 13.13
C PRO B 18 6.75 -16.16 12.87
N THR B 19 7.76 -15.71 13.61
CA THR B 19 8.30 -14.35 13.52
C THR B 19 8.77 -13.98 12.07
N PHE B 20 9.53 -14.87 11.41
CA PHE B 20 10.10 -14.63 10.08
C PHE B 20 9.27 -15.12 8.88
N GLN B 21 8.30 -16.06 9.07
CA GLN B 21 7.44 -16.66 8.00
C GLN B 21 6.85 -15.67 6.97
N SER B 22 6.51 -14.47 7.42
CA SER B 22 5.91 -13.41 6.61
C SER B 22 6.90 -12.72 5.67
N LEU B 23 8.20 -12.73 6.02
CA LEU B 23 9.24 -11.98 5.29
C LEU B 23 9.44 -12.42 3.83
N PRO B 24 9.88 -11.51 2.94
CA PRO B 24 10.10 -11.90 1.54
C PRO B 24 11.21 -12.94 1.37
N GLU B 25 11.18 -13.65 0.23
CA GLU B 25 12.15 -14.70 -0.10
C GLU B 25 13.59 -14.16 -0.10
N GLU B 26 13.78 -12.91 -0.53
CA GLU B 26 15.10 -12.26 -0.63
C GLU B 26 15.78 -12.09 0.73
N ILE B 27 15.04 -11.59 1.76
CA ILE B 27 15.55 -11.42 3.13
C ILE B 27 15.90 -12.81 3.68
N LEU B 28 14.99 -13.75 3.52
CA LEU B 28 15.18 -15.11 3.99
C LEU B 28 16.40 -15.77 3.31
N SER B 29 16.62 -15.52 1.99
CA SER B 29 17.78 -16.05 1.25
C SER B 29 19.08 -15.39 1.72
N LYS B 30 19.09 -14.05 1.86
CA LYS B 30 20.28 -13.32 2.33
C LYS B 30 20.60 -13.69 3.79
N LEU B 31 19.59 -13.93 4.64
CA LEU B 31 19.82 -14.39 6.02
C LEU B 31 20.49 -15.79 5.96
N ALA B 32 19.97 -16.71 5.10
CA ALA B 32 20.53 -18.04 4.96
C ALA B 32 21.98 -17.99 4.42
N ASP B 33 22.30 -16.96 3.58
CA ASP B 33 23.66 -16.77 3.06
C ASP B 33 24.70 -16.46 4.17
N VAL B 34 24.28 -15.81 5.32
CA VAL B 34 25.20 -15.41 6.39
C VAL B 34 24.98 -16.10 7.77
N LEU B 35 23.85 -16.80 8.02
CA LEU B 35 23.66 -17.46 9.31
C LEU B 35 24.70 -18.56 9.54
N GLU B 36 25.23 -18.65 10.79
CA GLU B 36 26.31 -19.57 11.20
C GLU B 36 25.80 -20.62 12.20
N GLU B 37 26.04 -21.92 11.91
CA GLU B 37 25.66 -23.00 12.82
C GLU B 37 26.73 -23.20 13.92
N THR B 38 26.33 -23.14 15.21
CA THR B 38 27.21 -23.35 16.36
C THR B 38 26.59 -24.49 17.18
N HIS B 39 27.43 -25.36 17.78
CA HIS B 39 26.96 -26.53 18.55
C HIS B 39 27.36 -26.46 20.02
N TYR B 40 26.47 -26.94 20.91
CA TYR B 40 26.65 -26.94 22.37
C TYR B 40 26.21 -28.30 22.93
N GLU B 41 26.58 -28.62 24.20
CA GLU B 41 26.19 -29.86 24.86
C GLU B 41 25.55 -29.58 26.22
N ASN B 42 24.74 -30.53 26.73
CA ASN B 42 24.00 -30.40 28.00
C ASN B 42 24.85 -29.73 29.09
N GLY B 43 24.35 -28.62 29.65
CA GLY B 43 25.03 -27.85 30.69
C GLY B 43 25.93 -26.73 30.20
N GLU B 44 26.24 -26.67 28.90
CA GLU B 44 27.11 -25.65 28.32
C GLU B 44 26.41 -24.29 28.24
N TYR B 45 27.08 -23.23 28.74
CA TYR B 45 26.54 -21.85 28.74
C TYR B 45 26.70 -21.22 27.38
N ILE B 46 25.60 -20.84 26.73
CA ILE B 46 25.63 -20.20 25.43
C ILE B 46 25.93 -18.71 25.66
N ILE B 47 25.15 -18.08 26.56
CA ILE B 47 25.29 -16.68 26.99
C ILE B 47 25.50 -16.71 28.49
N ARG B 48 26.44 -15.90 29.00
CA ARG B 48 26.76 -15.76 30.43
C ARG B 48 26.37 -14.34 30.88
N GLN B 49 25.51 -14.21 31.93
CA GLN B 49 25.04 -12.90 32.45
C GLN B 49 26.25 -12.03 32.87
N GLY B 50 26.20 -10.74 32.53
CA GLY B 50 27.28 -9.81 32.83
C GLY B 50 28.36 -9.73 31.76
N ALA B 51 28.39 -10.70 30.82
CA ALA B 51 29.36 -10.71 29.72
C ALA B 51 28.85 -9.77 28.63
N ARG B 52 29.73 -9.35 27.73
CA ARG B 52 29.40 -8.46 26.60
C ARG B 52 29.11 -9.35 25.38
N GLY B 53 28.21 -8.91 24.50
CA GLY B 53 27.85 -9.70 23.33
C GLY B 53 27.26 -8.89 22.19
N ASP B 54 27.43 -9.35 20.94
CA ASP B 54 26.88 -8.70 19.74
C ASP B 54 26.16 -9.75 18.84
N THR B 55 25.72 -10.91 19.41
CA THR B 55 25.17 -12.03 18.64
C THR B 55 23.72 -12.43 19.05
N PHE B 56 22.91 -12.73 18.02
CA PHE B 56 21.52 -13.15 18.12
C PHE B 56 21.47 -14.65 17.77
N PHE B 57 20.71 -15.45 18.56
CA PHE B 57 20.64 -16.90 18.36
C PHE B 57 19.22 -17.35 18.03
N ILE B 58 19.05 -18.24 17.05
CA ILE B 58 17.77 -18.88 16.73
C ILE B 58 18.04 -20.35 16.99
N ILE B 59 17.20 -21.01 17.82
CA ILE B 59 17.40 -22.42 18.16
C ILE B 59 16.87 -23.28 17.01
N SER B 60 17.73 -24.13 16.41
CA SER B 60 17.33 -25.04 15.33
C SER B 60 17.24 -26.49 15.80
N LYS B 61 17.78 -26.81 17.00
CA LYS B 61 17.80 -28.16 17.55
C LYS B 61 18.03 -28.10 19.07
N GLY B 62 17.27 -28.90 19.83
CA GLY B 62 17.42 -28.96 21.29
C GLY B 62 16.67 -27.89 22.05
N THR B 63 17.04 -27.73 23.34
CA THR B 63 16.41 -26.79 24.28
C THR B 63 17.45 -26.10 25.19
N VAL B 64 17.10 -24.92 25.70
CA VAL B 64 17.98 -24.12 26.57
C VAL B 64 17.18 -23.60 27.75
N ASN B 65 17.84 -23.43 28.91
CA ASN B 65 17.24 -22.88 30.13
C ASN B 65 17.72 -21.43 30.29
N VAL B 66 16.79 -20.48 30.47
CA VAL B 66 17.12 -19.07 30.66
C VAL B 66 17.02 -18.76 32.17
N THR B 67 18.14 -18.35 32.80
CA THR B 67 18.20 -18.05 34.26
C THR B 67 18.82 -16.67 34.49
N ARG B 68 18.69 -16.15 35.73
CA ARG B 68 19.17 -14.82 36.12
C ARG B 68 19.71 -14.84 37.57
N GLU B 69 21.02 -14.56 37.76
CA GLU B 69 21.64 -14.53 39.10
C GLU B 69 21.39 -13.21 39.82
N PRO B 76 20.28 -18.42 41.58
CA PRO B 76 19.74 -17.94 40.30
C PRO B 76 18.25 -18.19 40.17
N VAL B 77 17.48 -17.18 39.70
CA VAL B 77 16.04 -17.34 39.52
C VAL B 77 15.77 -17.82 38.08
N PHE B 78 15.02 -18.93 37.98
CA PHE B 78 14.58 -19.54 36.74
C PHE B 78 13.62 -18.56 36.05
N LEU B 79 13.69 -18.44 34.72
CA LEU B 79 12.82 -17.54 33.96
C LEU B 79 11.97 -18.33 32.95
N ARG B 80 12.61 -18.99 31.98
CA ARG B 80 11.88 -19.77 30.97
C ARG B 80 12.77 -20.79 30.28
N THR B 81 12.13 -21.70 29.53
CA THR B 81 12.80 -22.71 28.73
C THR B 81 12.41 -22.44 27.26
N LEU B 82 13.39 -22.53 26.35
CA LEU B 82 13.20 -22.26 24.92
C LEU B 82 13.66 -23.46 24.11
N GLY B 83 13.04 -23.69 22.95
CA GLY B 83 13.36 -24.81 22.08
C GLY B 83 13.40 -24.44 20.61
N LYS B 84 13.46 -25.45 19.70
CA LYS B 84 13.51 -25.26 18.24
C LYS B 84 12.49 -24.20 17.77
N GLY B 85 12.96 -23.18 17.05
CA GLY B 85 12.13 -22.08 16.55
C GLY B 85 12.15 -20.83 17.39
N ASP B 86 12.54 -20.93 18.67
CA ASP B 86 12.65 -19.77 19.56
C ASP B 86 13.99 -19.09 19.32
N TRP B 87 14.14 -17.90 19.89
CA TRP B 87 15.35 -17.13 19.75
C TRP B 87 15.62 -16.26 20.96
N PHE B 88 16.86 -15.75 21.04
CA PHE B 88 17.30 -14.91 22.14
C PHE B 88 18.54 -14.10 21.75
N GLY B 89 18.90 -13.15 22.59
CA GLY B 89 20.01 -12.25 22.35
C GLY B 89 19.68 -11.07 21.45
N GLU B 90 18.38 -10.88 21.12
CA GLU B 90 17.85 -9.79 20.26
C GLU B 90 18.50 -8.43 20.48
N LYS B 91 18.66 -8.07 21.76
CA LYS B 91 19.19 -6.76 22.17
C LYS B 91 20.64 -6.54 21.70
N ALA B 92 21.41 -7.63 21.54
CA ALA B 92 22.78 -7.57 21.04
C ALA B 92 22.86 -6.95 19.61
N LEU B 93 21.85 -7.22 18.74
CA LEU B 93 21.79 -6.64 17.38
C LEU B 93 21.38 -5.15 17.41
N GLN B 94 20.74 -4.70 18.50
CA GLN B 94 20.24 -3.34 18.68
C GLN B 94 21.26 -2.36 19.31
N GLY B 95 22.48 -2.84 19.65
CA GLY B 95 23.55 -2.01 20.21
C GLY B 95 24.02 -2.36 21.61
N GLU B 96 23.08 -2.54 22.57
CA GLU B 96 23.43 -2.87 23.96
C GLU B 96 24.11 -4.24 24.11
N ASP B 97 25.33 -4.24 24.68
CA ASP B 97 26.17 -5.43 24.81
C ASP B 97 26.02 -6.25 26.09
N VAL B 98 25.71 -5.60 27.24
CA VAL B 98 25.65 -6.32 28.53
C VAL B 98 24.51 -7.35 28.55
N ARG B 99 24.86 -8.62 28.84
CA ARG B 99 23.91 -9.72 28.90
C ARG B 99 23.24 -9.72 30.25
N THR B 100 21.90 -9.57 30.25
CA THR B 100 21.10 -9.52 31.47
C THR B 100 20.61 -10.91 31.94
N ALA B 101 21.01 -12.03 31.26
CA ALA B 101 20.58 -13.36 31.68
C ALA B 101 21.46 -14.46 31.09
N ASN B 102 21.60 -15.59 31.81
CA ASN B 102 22.35 -16.75 31.31
C ASN B 102 21.43 -17.60 30.40
N VAL B 103 21.99 -18.21 29.35
CA VAL B 103 21.26 -19.13 28.46
C VAL B 103 22.10 -20.40 28.45
N ILE B 104 21.64 -21.47 29.13
CA ILE B 104 22.38 -22.71 29.29
C ILE B 104 21.69 -23.83 28.53
N ALA B 105 22.46 -24.69 27.88
CA ALA B 105 21.89 -25.79 27.11
C ALA B 105 21.32 -26.89 28.04
N ALA B 106 20.04 -27.27 27.82
CA ALA B 106 19.34 -28.32 28.56
C ALA B 106 19.66 -29.72 27.97
N GLU B 107 20.23 -29.76 26.74
CA GLU B 107 20.60 -31.00 26.04
C GLU B 107 21.63 -30.64 24.93
N ALA B 108 21.77 -31.46 23.87
CA ALA B 108 22.66 -31.13 22.74
C ALA B 108 21.93 -30.06 21.92
N VAL B 109 22.54 -28.87 21.72
CA VAL B 109 21.89 -27.75 21.03
C VAL B 109 22.67 -27.27 19.79
N THR B 110 21.91 -26.84 18.78
CA THR B 110 22.42 -26.18 17.59
C THR B 110 21.63 -24.88 17.46
N CYS B 111 22.34 -23.79 17.20
CA CYS B 111 21.79 -22.44 17.02
C CYS B 111 22.27 -21.92 15.68
N LEU B 112 21.41 -21.15 14.98
CA LEU B 112 21.78 -20.41 13.77
C LEU B 112 22.10 -19.02 14.33
N VAL B 113 23.35 -18.57 14.15
CA VAL B 113 23.86 -17.32 14.70
C VAL B 113 24.22 -16.25 13.63
N ILE B 114 23.93 -14.98 13.96
CA ILE B 114 24.28 -13.82 13.15
C ILE B 114 24.65 -12.73 14.14
N ASP B 115 25.69 -11.94 13.83
CA ASP B 115 26.10 -10.86 14.74
C ASP B 115 25.60 -9.46 14.26
N ARG B 116 25.73 -8.46 15.15
CA ARG B 116 25.30 -7.07 14.92
C ARG B 116 25.75 -6.54 13.56
N ASP B 117 27.06 -6.66 13.28
CA ASP B 117 27.62 -6.16 12.03
C ASP B 117 27.09 -6.87 10.78
N SER B 118 26.91 -8.21 10.83
CA SER B 118 26.37 -8.93 9.66
C SER B 118 24.92 -8.53 9.40
N PHE B 119 24.14 -8.36 10.47
CA PHE B 119 22.73 -7.98 10.34
C PHE B 119 22.60 -6.57 9.82
N LYS B 120 23.45 -5.64 10.26
CA LYS B 120 23.41 -4.25 9.74
C LYS B 120 23.78 -4.23 8.27
N HIS B 121 24.82 -4.96 7.91
CA HIS B 121 25.29 -5.10 6.53
C HIS B 121 24.22 -5.77 5.65
N LEU B 122 23.51 -6.78 6.18
CA LEU B 122 22.42 -7.43 5.45
C LEU B 122 21.26 -6.45 5.21
N ILE B 123 20.83 -5.70 6.26
CA ILE B 123 19.75 -4.71 6.11
C ILE B 123 20.16 -3.60 5.13
N GLY B 124 21.42 -3.16 5.22
CA GLY B 124 21.96 -2.10 4.38
C GLY B 124 21.82 -2.27 2.87
N GLY B 125 22.02 -3.49 2.38
CA GLY B 125 21.99 -3.80 0.96
C GLY B 125 20.73 -4.38 0.35
N LEU B 126 19.57 -4.19 0.98
CA LEU B 126 18.34 -4.75 0.41
C LEU B 126 17.82 -3.87 -0.71
N ASP B 127 16.95 -4.44 -1.59
CA ASP B 127 16.28 -3.69 -2.65
C ASP B 127 15.29 -2.76 -1.95
N ASP B 128 14.81 -1.74 -2.64
CA ASP B 128 13.82 -0.82 -2.06
C ASP B 128 12.48 -1.55 -1.76
N VAL B 129 12.13 -2.61 -2.53
CA VAL B 129 10.91 -3.39 -2.30
C VAL B 129 11.12 -4.29 -1.07
N SER B 130 12.31 -4.93 -0.96
CA SER B 130 12.64 -5.76 0.20
C SER B 130 12.82 -4.90 1.49
N ASN B 131 13.23 -3.63 1.37
CA ASN B 131 13.44 -2.76 2.54
C ASN B 131 12.12 -2.29 3.13
N LYS B 132 11.15 -1.88 2.28
CA LYS B 132 9.82 -1.51 2.76
C LYS B 132 9.25 -2.72 3.52
N ALA B 133 9.33 -3.91 2.93
CA ALA B 133 8.85 -5.15 3.55
C ALA B 133 9.54 -5.45 4.92
N TYR B 134 10.82 -5.05 5.09
CA TYR B 134 11.52 -5.26 6.36
C TYR B 134 11.01 -4.23 7.38
N GLU B 135 10.98 -2.94 6.99
CA GLU B 135 10.56 -1.82 7.84
C GLU B 135 9.14 -2.03 8.39
N ASP B 136 8.20 -2.36 7.48
CA ASP B 136 6.80 -2.59 7.82
C ASP B 136 6.67 -3.75 8.81
N ALA B 137 7.44 -4.85 8.61
CA ALA B 137 7.46 -6.04 9.46
C ALA B 137 8.10 -5.75 10.83
N GLU B 138 9.15 -4.93 10.84
CA GLU B 138 9.85 -4.55 12.05
C GLU B 138 8.93 -3.69 12.92
N ALA B 139 8.24 -2.72 12.29
CA ALA B 139 7.28 -1.84 12.95
C ALA B 139 6.09 -2.62 13.51
N LYS B 140 5.53 -3.54 12.72
CA LYS B 140 4.39 -4.37 13.13
C LYS B 140 4.73 -5.19 14.37
N ALA B 141 5.91 -5.85 14.35
CA ALA B 141 6.39 -6.69 15.45
C ALA B 141 6.67 -5.86 16.71
N LYS B 142 7.24 -4.65 16.53
CA LYS B 142 7.57 -3.72 17.61
C LYS B 142 6.33 -3.27 18.38
N TYR B 143 5.25 -2.98 17.68
CA TYR B 143 4.00 -2.53 18.32
C TYR B 143 3.26 -3.72 18.99
N GLU B 144 3.34 -4.94 18.43
CA GLU B 144 2.75 -6.13 19.05
C GLU B 144 3.47 -6.43 20.37
N ALA B 145 4.79 -6.13 20.43
CA ALA B 145 5.58 -6.31 21.64
C ALA B 145 5.23 -5.24 22.67
N GLU B 146 4.91 -4.01 22.22
CA GLU B 146 4.49 -2.90 23.09
C GLU B 146 3.13 -3.26 23.68
N ALA B 147 2.18 -3.70 22.83
CA ALA B 147 0.85 -4.13 23.28
C ALA B 147 0.95 -5.23 24.35
N ALA B 148 1.89 -6.18 24.19
CA ALA B 148 2.12 -7.28 25.13
C ALA B 148 2.75 -6.78 26.44
N PHE B 149 3.61 -5.74 26.40
CA PHE B 149 4.17 -5.18 27.63
C PHE B 149 3.03 -4.56 28.46
N PHE B 150 2.18 -3.75 27.82
CA PHE B 150 1.06 -3.09 28.48
C PHE B 150 -0.06 -4.07 28.88
N ALA B 151 -0.28 -5.17 28.13
CA ALA B 151 -1.32 -6.18 28.42
C ALA B 151 -1.08 -6.89 29.76
N ASN B 152 0.20 -7.01 30.16
CA ASN B 152 0.62 -7.60 31.42
C ASN B 152 0.28 -6.70 32.62
N LEU B 153 0.25 -5.37 32.44
CA LEU B 153 -0.01 -4.41 33.50
C LEU B 153 -1.47 -4.37 33.98
N LYS B 154 -1.64 -3.93 35.24
CA LYS B 154 -2.94 -3.74 35.91
C LYS B 154 -3.00 -2.30 36.39
N LEU B 155 -4.20 -1.77 36.70
CA LEU B 155 -4.38 -0.42 37.29
C LEU B 155 -3.60 -0.28 38.59
N SER B 156 -3.52 -1.39 39.36
CA SER B 156 -2.76 -1.47 40.62
C SER B 156 -1.23 -1.30 40.45
N ASP B 157 -0.69 -1.34 39.21
CA ASP B 157 0.73 -1.10 38.96
C ASP B 157 1.07 0.41 38.83
N PHE B 158 0.06 1.29 38.81
CA PHE B 158 0.26 2.73 38.66
C PHE B 158 -0.02 3.50 39.94
N ASN B 159 0.59 4.69 40.04
CA ASN B 159 0.46 5.65 41.14
C ASN B 159 -0.08 6.96 40.59
N ILE B 160 -1.13 7.58 41.14
CA ILE B 160 -1.58 8.92 40.70
C ILE B 160 -0.61 9.93 41.31
N ILE B 161 -0.19 10.91 40.50
CA ILE B 161 0.75 11.98 40.89
C ILE B 161 -0.04 13.25 41.14
N ASP B 162 -0.75 13.73 40.12
CA ASP B 162 -1.56 14.95 40.18
C ASP B 162 -2.56 14.95 39.02
N THR B 163 -3.53 15.88 39.05
CA THR B 163 -4.53 16.01 37.99
C THR B 163 -4.06 16.94 36.88
N LEU B 164 -4.36 16.55 35.63
CA LEU B 164 -4.04 17.33 34.43
C LEU B 164 -5.29 18.04 33.87
N GLY B 165 -6.47 17.47 34.06
CA GLY B 165 -7.71 18.06 33.57
C GLY B 165 -8.95 17.45 34.19
N VAL B 166 -10.04 18.23 34.24
CA VAL B 166 -11.32 17.85 34.86
C VAL B 166 -12.49 18.40 34.03
N GLY B 167 -13.56 17.62 33.97
CA GLY B 167 -14.79 17.96 33.27
C GLY B 167 -15.92 17.02 33.67
N GLY B 168 -17.05 17.13 32.98
CA GLY B 168 -18.19 16.26 33.16
C GLY B 168 -17.85 14.84 32.74
N PHE B 169 -17.00 14.70 31.70
CA PHE B 169 -16.51 13.39 31.23
C PHE B 169 -15.86 12.53 32.36
N GLY B 170 -15.17 13.19 33.30
CA GLY B 170 -14.38 12.58 34.36
C GLY B 170 -13.11 13.40 34.55
N ARG B 171 -11.92 12.78 34.52
CA ARG B 171 -10.68 13.52 34.68
C ARG B 171 -9.48 12.85 34.03
N VAL B 172 -8.39 13.62 33.88
CA VAL B 172 -7.13 13.15 33.31
C VAL B 172 -6.07 13.27 34.40
N GLU B 173 -5.51 12.15 34.81
CA GLU B 173 -4.53 12.11 35.90
C GLU B 173 -3.14 11.79 35.40
N LEU B 174 -2.12 12.47 35.95
CA LEU B 174 -0.75 12.08 35.67
C LEU B 174 -0.49 10.86 36.56
N VAL B 175 -0.11 9.73 35.96
CA VAL B 175 0.18 8.50 36.69
C VAL B 175 1.63 8.11 36.46
N GLN B 176 2.18 7.35 37.39
CA GLN B 176 3.55 6.85 37.32
C GLN B 176 3.52 5.35 37.45
N LEU B 177 4.30 4.62 36.65
CA LEU B 177 4.37 3.16 36.75
C LEU B 177 5.22 2.84 37.98
N LYS B 178 4.68 2.05 38.91
CA LYS B 178 5.35 1.72 40.17
C LYS B 178 6.75 1.16 40.00
N SER B 179 6.94 0.25 39.04
CA SER B 179 8.23 -0.38 38.76
C SER B 179 9.30 0.47 38.00
N GLU B 180 8.88 1.49 37.21
CA GLU B 180 9.79 2.35 36.42
C GLU B 180 9.51 3.82 36.70
N GLU B 181 10.21 4.40 37.69
CA GLU B 181 10.04 5.78 38.17
C GLU B 181 10.04 6.91 37.09
N SER B 182 10.87 6.75 36.08
CA SER B 182 11.03 7.71 34.99
C SER B 182 9.81 7.69 34.04
N LYS B 183 9.02 6.58 34.05
CA LYS B 183 7.84 6.40 33.20
C LYS B 183 6.53 6.96 33.79
N THR B 184 6.07 8.11 33.26
CA THR B 184 4.79 8.72 33.64
C THR B 184 3.87 8.77 32.41
N PHE B 185 2.54 8.68 32.63
CA PHE B 185 1.54 8.65 31.57
C PHE B 185 0.36 9.53 31.95
N ALA B 186 -0.45 9.97 30.96
CA ALA B 186 -1.66 10.72 31.25
C ALA B 186 -2.83 9.70 31.22
N MET B 187 -3.43 9.39 32.37
CA MET B 187 -4.55 8.43 32.44
C MET B 187 -5.90 9.18 32.35
N LYS B 188 -6.59 9.08 31.20
CA LYS B 188 -7.93 9.67 31.05
C LYS B 188 -8.96 8.67 31.67
N ILE B 189 -9.65 9.08 32.77
CA ILE B 189 -10.64 8.25 33.48
C ILE B 189 -12.03 8.77 33.16
N LEU B 190 -12.76 8.02 32.34
CA LEU B 190 -14.09 8.41 31.87
C LEU B 190 -15.21 7.75 32.64
N LYS B 191 -16.25 8.51 33.03
CA LYS B 191 -17.44 7.93 33.67
C LYS B 191 -18.27 7.29 32.56
N LYS B 192 -18.63 6.02 32.69
CA LYS B 192 -19.41 5.39 31.63
C LYS B 192 -20.81 6.02 31.50
N ARG B 193 -21.42 6.36 32.64
CA ARG B 193 -22.72 7.01 32.70
C ARG B 193 -22.77 8.25 31.78
N HIS B 194 -21.70 9.05 31.79
CA HIS B 194 -21.64 10.26 30.96
C HIS B 194 -21.62 9.92 29.46
N ILE B 195 -20.85 8.90 29.08
CA ILE B 195 -20.76 8.38 27.71
C ILE B 195 -22.15 7.87 27.25
N VAL B 196 -22.85 7.12 28.13
CA VAL B 196 -24.17 6.57 27.82
C VAL B 196 -25.20 7.71 27.70
N ASP B 197 -25.17 8.70 28.65
CA ASP B 197 -26.11 9.84 28.62
C ASP B 197 -25.93 10.73 27.36
N THR B 198 -24.70 10.83 26.86
CA THR B 198 -24.38 11.61 25.65
C THR B 198 -24.43 10.77 24.35
N ARG B 199 -24.70 9.44 24.43
CA ARG B 199 -24.72 8.53 23.29
C ARG B 199 -23.39 8.49 22.52
N GLN B 200 -22.25 8.43 23.26
CA GLN B 200 -20.92 8.40 22.65
C GLN B 200 -20.28 7.00 22.71
N GLN B 201 -21.07 5.93 22.91
CA GLN B 201 -20.51 4.56 22.97
C GLN B 201 -19.66 4.22 21.75
N GLU B 202 -20.19 4.47 20.55
CA GLU B 202 -19.46 4.19 19.31
C GLU B 202 -18.31 5.18 19.10
N HIS B 203 -18.46 6.48 19.49
CA HIS B 203 -17.40 7.48 19.38
C HIS B 203 -16.17 7.12 20.24
N ILE B 204 -16.37 6.64 21.47
CA ILE B 204 -15.27 6.27 22.37
C ILE B 204 -14.63 4.94 21.85
N ARG B 205 -15.46 4.04 21.33
CA ARG B 205 -15.00 2.76 20.73
C ARG B 205 -14.02 3.07 19.55
N SER B 206 -14.47 3.90 18.59
CA SER B 206 -13.59 4.27 17.48
C SER B 206 -12.39 5.14 17.92
N GLU B 207 -12.47 5.93 19.02
CA GLU B 207 -11.31 6.67 19.56
C GLU B 207 -10.27 5.67 20.05
N LYS B 208 -10.73 4.60 20.70
CA LYS B 208 -9.84 3.58 21.20
C LYS B 208 -9.15 2.91 19.99
N GLN B 209 -9.91 2.53 18.95
CA GLN B 209 -9.39 1.90 17.73
C GLN B 209 -8.41 2.85 16.99
N ILE B 210 -8.81 4.13 16.82
CA ILE B 210 -7.98 5.10 16.10
C ILE B 210 -6.69 5.48 16.88
N MET B 211 -6.75 5.98 18.12
CA MET B 211 -5.51 6.37 18.82
C MET B 211 -4.57 5.21 19.11
N GLN B 212 -5.10 3.99 19.39
CA GLN B 212 -4.18 2.85 19.62
C GLN B 212 -3.41 2.47 18.34
N GLY B 213 -4.09 2.44 17.21
CA GLY B 213 -3.49 2.09 15.92
C GLY B 213 -2.65 3.20 15.32
N ALA B 214 -2.80 4.45 15.79
CA ALA B 214 -2.05 5.57 15.24
C ALA B 214 -0.63 5.66 15.84
N HIS B 215 0.40 5.81 14.97
CA HIS B 215 1.82 5.98 15.34
C HIS B 215 2.37 7.21 14.67
N SER B 216 2.09 8.38 15.26
CA SER B 216 2.52 9.67 14.73
C SER B 216 3.13 10.50 15.87
N ASP B 217 4.20 11.22 15.60
CA ASP B 217 4.81 12.10 16.61
C ASP B 217 3.95 13.35 16.82
N PHE B 218 2.95 13.60 15.94
CA PHE B 218 2.04 14.72 16.04
C PHE B 218 0.66 14.28 16.60
N ILE B 219 0.56 13.03 17.12
CA ILE B 219 -0.67 12.51 17.76
C ILE B 219 -0.26 11.87 19.10
N VAL B 220 -1.01 12.16 20.17
CA VAL B 220 -0.75 11.58 21.49
C VAL B 220 -1.00 10.04 21.41
N ARG B 221 0.00 9.22 21.81
CA ARG B 221 -0.13 7.75 21.81
C ARG B 221 -1.15 7.29 22.87
N LEU B 222 -1.87 6.19 22.57
CA LEU B 222 -2.79 5.51 23.48
C LEU B 222 -2.23 4.10 23.53
N TYR B 223 -1.65 3.71 24.67
CA TYR B 223 -0.99 2.41 24.86
C TYR B 223 -1.99 1.29 25.07
N ARG B 224 -2.91 1.49 26.00
CA ARG B 224 -3.97 0.53 26.28
C ARG B 224 -5.07 1.21 27.03
N THR B 225 -6.13 0.46 27.29
CA THR B 225 -7.25 0.88 28.10
C THR B 225 -7.51 -0.16 29.21
N PHE B 226 -8.31 0.24 30.20
CA PHE B 226 -8.81 -0.63 31.28
C PHE B 226 -10.26 -0.22 31.50
N LYS B 227 -10.98 -1.07 32.22
CA LYS B 227 -12.36 -0.80 32.55
C LYS B 227 -12.69 -1.52 33.85
N ASP B 228 -13.65 -0.98 34.57
CA ASP B 228 -14.28 -1.56 35.76
C ASP B 228 -15.77 -1.29 35.56
N SER B 229 -16.63 -1.53 36.54
CA SER B 229 -18.07 -1.33 36.39
C SER B 229 -18.53 0.12 36.18
N LYS B 230 -17.72 1.11 36.60
CA LYS B 230 -18.07 2.52 36.52
C LYS B 230 -17.29 3.35 35.50
N TYR B 231 -15.99 3.07 35.32
CA TYR B 231 -15.16 3.88 34.41
C TYR B 231 -14.41 3.12 33.34
N LEU B 232 -14.02 3.86 32.31
CA LEU B 232 -13.09 3.42 31.26
C LEU B 232 -11.82 4.19 31.57
N TYR B 233 -10.65 3.55 31.39
CA TYR B 233 -9.33 4.18 31.66
C TYR B 233 -8.54 4.19 30.36
N MET B 234 -8.00 5.34 29.93
CA MET B 234 -7.19 5.43 28.71
C MET B 234 -5.75 5.82 29.10
N LEU B 235 -4.80 4.87 28.96
CA LEU B 235 -3.39 5.09 29.28
C LEU B 235 -2.67 5.74 28.09
N MET B 236 -2.48 7.06 28.15
CA MET B 236 -1.88 7.85 27.10
C MET B 236 -0.49 8.37 27.44
N GLU B 237 0.20 8.82 26.40
CA GLU B 237 1.51 9.47 26.51
C GLU B 237 1.33 10.79 27.31
N ALA B 238 2.20 11.03 28.30
CA ALA B 238 2.15 12.25 29.10
C ALA B 238 2.85 13.36 28.31
N CYS B 239 2.14 14.48 28.08
CA CYS B 239 2.61 15.65 27.33
C CYS B 239 2.55 16.80 28.33
N LEU B 240 3.69 17.05 29.00
CA LEU B 240 3.78 17.95 30.13
C LEU B 240 4.06 19.45 29.82
N GLY B 241 4.02 19.86 28.57
CA GLY B 241 4.21 21.26 28.21
C GLY B 241 3.00 22.12 28.46
N GLY B 242 1.81 21.50 28.55
CA GLY B 242 0.55 22.18 28.86
C GLY B 242 -0.46 22.23 27.73
N GLU B 243 -1.67 22.63 28.07
CA GLU B 243 -2.79 22.76 27.14
C GLU B 243 -2.58 23.97 26.22
N LEU B 244 -2.80 23.83 24.90
CA LEU B 244 -2.66 25.00 24.01
C LEU B 244 -3.79 26.03 24.31
N TRP B 245 -4.99 25.58 24.74
CA TRP B 245 -6.10 26.50 25.03
C TRP B 245 -5.80 27.39 26.26
N THR B 246 -5.07 26.88 27.30
CA THR B 246 -4.72 27.69 28.49
C THR B 246 -3.61 28.66 28.14
N ILE B 247 -2.63 28.22 27.32
CA ILE B 247 -1.53 29.07 26.85
C ILE B 247 -2.11 30.16 25.94
N LEU B 248 -3.07 29.80 25.04
CA LEU B 248 -3.73 30.79 24.17
C LEU B 248 -4.53 31.80 25.04
N ARG B 249 -5.28 31.31 26.06
CA ARG B 249 -6.03 32.15 27.03
C ARG B 249 -5.08 33.14 27.74
N ASP B 250 -3.97 32.63 28.29
CA ASP B 250 -2.96 33.42 29.02
C ASP B 250 -2.30 34.48 28.15
N ARG B 251 -2.10 34.19 26.84
CA ARG B 251 -1.42 35.09 25.88
C ARG B 251 -2.35 35.96 25.02
N GLY B 252 -3.65 35.61 24.94
CA GLY B 252 -4.61 36.37 24.14
C GLY B 252 -4.66 35.89 22.71
N SER B 253 -3.54 36.03 22.01
CA SER B 253 -3.34 35.54 20.64
C SER B 253 -1.87 35.19 20.44
N PHE B 254 -1.56 34.46 19.36
CA PHE B 254 -0.18 34.05 19.05
C PHE B 254 0.33 34.83 17.84
N GLU B 255 1.66 35.05 17.78
CA GLU B 255 2.32 35.70 16.65
C GLU B 255 2.19 34.82 15.41
N ASP B 256 2.45 35.42 14.24
CA ASP B 256 2.38 34.74 12.95
C ASP B 256 3.28 33.48 12.92
N SER B 257 4.56 33.62 13.33
CA SER B 257 5.53 32.50 13.34
C SER B 257 5.17 31.44 14.37
N THR B 258 4.60 31.85 15.52
CA THR B 258 4.14 30.91 16.57
C THR B 258 3.00 30.07 16.05
N THR B 259 1.99 30.73 15.46
CA THR B 259 0.82 30.07 14.87
C THR B 259 1.22 29.12 13.76
N ARG B 260 2.21 29.51 12.97
CA ARG B 260 2.72 28.71 11.85
C ARG B 260 3.30 27.39 12.31
N PHE B 261 4.10 27.37 13.40
CA PHE B 261 4.66 26.12 13.92
C PHE B 261 3.53 25.19 14.39
N TYR B 262 2.51 25.71 15.13
CA TYR B 262 1.39 24.87 15.62
C TYR B 262 0.52 24.41 14.47
N THR B 263 0.27 25.25 13.46
CA THR B 263 -0.51 24.85 12.28
C THR B 263 0.27 23.74 11.56
N ALA B 264 1.60 23.89 11.41
CA ALA B 264 2.43 22.85 10.78
C ALA B 264 2.33 21.50 11.52
N CYS B 265 2.27 21.49 12.87
CA CYS B 265 2.13 20.24 13.67
C CYS B 265 0.81 19.54 13.29
N VAL B 266 -0.31 20.32 13.17
CA VAL B 266 -1.62 19.78 12.78
C VAL B 266 -1.57 19.23 11.35
N VAL B 267 -0.90 19.95 10.42
CA VAL B 267 -0.75 19.52 9.02
C VAL B 267 -0.05 18.14 8.95
N GLU B 268 0.94 17.90 9.81
CA GLU B 268 1.61 16.60 9.84
C GLU B 268 0.68 15.54 10.37
N ALA B 269 -0.06 15.83 11.47
CA ALA B 269 -1.02 14.89 12.05
C ALA B 269 -2.12 14.56 11.04
N PHE B 270 -2.63 15.57 10.32
CA PHE B 270 -3.64 15.36 9.28
C PHE B 270 -3.08 14.59 8.08
N ALA B 271 -1.81 14.86 7.65
CA ALA B 271 -1.20 14.09 6.56
C ALA B 271 -1.17 12.60 6.89
N TYR B 272 -0.88 12.27 8.16
CA TYR B 272 -0.90 10.89 8.64
C TYR B 272 -2.33 10.29 8.70
N LEU B 273 -3.30 11.02 9.32
CA LEU B 273 -4.68 10.53 9.44
C LEU B 273 -5.35 10.41 8.08
N HIS B 274 -5.16 11.40 7.20
CA HIS B 274 -5.77 11.37 5.86
C HIS B 274 -5.16 10.27 5.00
N SER B 275 -3.86 9.90 5.24
CA SER B 275 -3.24 8.76 4.56
C SER B 275 -3.93 7.44 4.89
N LYS B 276 -4.56 7.33 6.07
CA LYS B 276 -5.30 6.13 6.53
C LYS B 276 -6.84 6.23 6.32
N GLY B 277 -7.30 7.27 5.61
CA GLY B 277 -8.73 7.48 5.38
C GLY B 277 -9.51 7.87 6.62
N ILE B 278 -8.86 8.56 7.58
CA ILE B 278 -9.50 8.97 8.84
C ILE B 278 -9.74 10.46 8.84
N ILE B 279 -10.98 10.87 9.08
CA ILE B 279 -11.33 12.29 9.28
C ILE B 279 -11.20 12.57 10.80
N TYR B 280 -10.56 13.69 11.18
CA TYR B 280 -10.42 14.07 12.59
C TYR B 280 -11.72 14.74 13.15
N ARG B 281 -12.27 15.74 12.44
CA ARG B 281 -13.50 16.50 12.76
C ARG B 281 -13.53 17.33 14.05
N ASP B 282 -12.58 17.23 15.00
CA ASP B 282 -12.72 18.01 16.24
C ASP B 282 -11.63 19.05 16.47
N LEU B 283 -11.08 19.64 15.40
CA LEU B 283 -9.98 20.59 15.56
C LEU B 283 -10.41 21.91 16.17
N LYS B 284 -9.73 22.27 17.27
CA LYS B 284 -9.89 23.53 18.01
C LYS B 284 -8.71 23.58 19.00
N PRO B 285 -8.38 24.74 19.61
CA PRO B 285 -7.21 24.78 20.53
C PRO B 285 -7.24 23.79 21.68
N GLU B 286 -8.44 23.38 22.14
CA GLU B 286 -8.63 22.38 23.23
C GLU B 286 -8.15 20.97 22.82
N ASN B 287 -8.04 20.70 21.50
CA ASN B 287 -7.58 19.39 21.00
C ASN B 287 -6.06 19.28 20.83
N LEU B 288 -5.31 20.34 21.18
CA LEU B 288 -3.86 20.35 21.07
C LEU B 288 -3.19 20.46 22.44
N ILE B 289 -2.16 19.62 22.65
CA ILE B 289 -1.40 19.60 23.90
C ILE B 289 0.10 19.69 23.54
N LEU B 290 0.89 20.45 24.32
CA LEU B 290 2.33 20.53 24.07
C LEU B 290 3.03 19.51 24.94
N ASP B 291 4.08 18.90 24.40
CA ASP B 291 4.95 17.99 25.15
C ASP B 291 6.00 18.86 25.86
N HIS B 292 6.94 18.26 26.59
CA HIS B 292 8.00 18.99 27.33
C HIS B 292 8.94 19.86 26.44
N ARG B 293 9.06 19.56 25.13
CA ARG B 293 9.90 20.34 24.19
C ARG B 293 9.15 21.57 23.63
N GLY B 294 7.81 21.52 23.62
CA GLY B 294 6.96 22.57 23.06
C GLY B 294 6.37 22.17 21.71
N TYR B 295 6.49 20.87 21.35
CA TYR B 295 5.88 20.33 20.12
C TYR B 295 4.40 20.02 20.41
N ALA B 296 3.49 20.36 19.48
CA ALA B 296 2.04 20.15 19.65
C ALA B 296 1.57 18.79 19.07
N LYS B 297 0.59 18.16 19.73
CA LYS B 297 0.01 16.87 19.34
C LYS B 297 -1.52 16.89 19.48
N LEU B 298 -2.25 16.16 18.59
CA LEU B 298 -3.72 16.04 18.68
C LEU B 298 -3.96 15.09 19.83
N VAL B 299 -4.89 15.42 20.74
CA VAL B 299 -5.08 14.54 21.90
C VAL B 299 -6.48 13.86 21.99
N ASP B 300 -7.56 14.44 21.45
CA ASP B 300 -8.92 13.88 21.60
C ASP B 300 -9.50 13.36 20.27
N PHE B 301 -9.74 12.04 20.18
CA PHE B 301 -10.28 11.40 18.96
C PHE B 301 -11.76 10.97 19.09
N GLY B 302 -12.55 11.72 19.84
CA GLY B 302 -13.97 11.44 20.06
C GLY B 302 -14.81 11.50 18.81
N PHE B 303 -14.63 12.55 17.96
CA PHE B 303 -15.39 12.67 16.71
C PHE B 303 -14.71 12.05 15.48
N ALA B 304 -13.45 11.60 15.60
CA ALA B 304 -12.73 11.02 14.46
C ALA B 304 -13.41 9.77 13.89
N LYS B 305 -13.33 9.57 12.56
CA LYS B 305 -13.97 8.41 11.92
C LYS B 305 -13.21 7.91 10.69
N LYS B 306 -13.03 6.58 10.58
CA LYS B 306 -12.43 6.00 9.39
C LYS B 306 -13.58 5.98 8.36
N ILE B 307 -13.38 6.64 7.19
CA ILE B 307 -14.40 6.69 6.13
C ILE B 307 -13.95 5.73 5.03
N GLY B 308 -14.91 5.09 4.38
CA GLY B 308 -14.63 4.17 3.29
C GLY B 308 -14.14 4.89 2.06
N PHE B 309 -13.32 4.21 1.24
CA PHE B 309 -12.84 4.75 -0.02
C PHE B 309 -14.05 5.11 -0.91
N GLY B 310 -14.12 6.38 -1.33
CA GLY B 310 -15.21 6.89 -2.14
C GLY B 310 -16.48 7.25 -1.42
N LYS B 311 -16.49 7.13 -0.09
CA LYS B 311 -17.68 7.38 0.71
C LYS B 311 -17.59 8.71 1.39
N LYS B 312 -18.75 9.11 1.95
CA LYS B 312 -18.94 10.28 2.78
C LYS B 312 -19.57 9.80 4.09
N THR B 313 -19.56 10.66 5.11
CA THR B 313 -20.14 10.39 6.42
C THR B 313 -21.17 11.50 6.65
N TRP B 314 -22.23 11.22 7.42
CA TRP B 314 -23.36 12.16 7.55
C TRP B 314 -23.73 12.53 8.97
N PHE B 316 -23.94 14.91 12.09
CA PHE B 316 -23.82 16.35 12.42
C PHE B 316 -23.20 16.39 13.82
N CYS B 317 -21.92 16.75 13.90
CA CYS B 317 -21.18 16.80 15.17
C CYS B 317 -20.17 17.93 15.16
N GLY B 318 -19.71 18.27 16.36
CA GLY B 318 -18.73 19.31 16.60
C GLY B 318 -19.25 20.61 17.15
N THR B 319 -18.31 21.39 17.70
CA THR B 319 -18.56 22.74 18.26
C THR B 319 -18.99 23.64 17.07
N PRO B 320 -20.13 24.38 17.15
CA PRO B 320 -20.63 25.12 15.97
C PRO B 320 -19.67 26.02 15.17
N GLU B 321 -18.75 26.72 15.85
CA GLU B 321 -17.78 27.63 15.24
C GLU B 321 -16.81 26.92 14.26
N TYR B 322 -16.60 25.61 14.46
CA TYR B 322 -15.65 24.82 13.65
C TYR B 322 -16.31 23.90 12.64
N VAL B 323 -17.64 23.94 12.50
CA VAL B 323 -18.36 23.03 11.61
C VAL B 323 -18.31 23.58 10.17
N ALA B 324 -17.94 22.71 9.22
CA ALA B 324 -17.83 23.04 7.81
C ALA B 324 -19.23 23.20 7.18
N PRO B 325 -19.38 24.00 6.09
CA PRO B 325 -20.72 24.19 5.51
C PRO B 325 -21.45 22.92 5.05
N GLU B 326 -20.70 21.92 4.50
CA GLU B 326 -21.30 20.66 4.03
C GLU B 326 -21.89 19.81 5.19
N ILE B 327 -21.40 20.03 6.42
CA ILE B 327 -21.92 19.35 7.61
C ILE B 327 -23.27 20.03 7.99
N ILE B 328 -23.31 21.38 7.98
CA ILE B 328 -24.52 22.17 8.28
C ILE B 328 -25.63 21.82 7.31
N LEU B 329 -25.28 21.77 5.99
CA LEU B 329 -26.25 21.50 4.93
C LEU B 329 -26.62 20.03 4.75
N ASN B 330 -26.03 19.10 5.53
CA ASN B 330 -26.31 17.66 5.45
C ASN B 330 -26.16 17.12 4.02
N LYS B 331 -25.03 17.44 3.41
CA LYS B 331 -24.72 16.97 2.06
C LYS B 331 -23.74 15.79 2.15
N GLY B 332 -23.29 15.45 3.36
CA GLY B 332 -22.24 14.45 3.58
C GLY B 332 -20.87 15.11 3.52
N HIS B 333 -19.89 14.56 4.25
CA HIS B 333 -18.53 15.10 4.34
C HIS B 333 -17.46 14.00 4.35
N ASP B 334 -16.23 14.41 4.03
CA ASP B 334 -15.06 13.53 3.97
C ASP B 334 -13.87 14.27 4.63
N ILE B 335 -12.63 13.78 4.42
CA ILE B 335 -11.44 14.39 5.01
C ILE B 335 -11.26 15.90 4.70
N SER B 336 -11.87 16.45 3.63
CA SER B 336 -11.74 17.87 3.30
C SER B 336 -12.39 18.84 4.33
N ALA B 337 -13.23 18.32 5.25
CA ALA B 337 -13.79 19.15 6.32
C ALA B 337 -12.70 19.47 7.34
N ASP B 338 -11.60 18.67 7.37
CA ASP B 338 -10.46 18.98 8.23
C ASP B 338 -9.64 20.16 7.68
N TYR B 339 -9.60 20.36 6.35
CA TYR B 339 -8.88 21.51 5.76
C TYR B 339 -9.64 22.80 6.09
N TRP B 340 -11.01 22.76 6.08
CA TRP B 340 -11.83 23.88 6.53
C TRP B 340 -11.45 24.21 8.00
N SER B 341 -11.46 23.19 8.90
CA SER B 341 -11.14 23.38 10.33
C SER B 341 -9.78 24.03 10.55
N LEU B 342 -8.79 23.62 9.76
CA LEU B 342 -7.42 24.16 9.82
C LEU B 342 -7.42 25.68 9.57
N GLY B 343 -8.21 26.15 8.60
CA GLY B 343 -8.39 27.57 8.33
C GLY B 343 -9.01 28.32 9.51
N ILE B 344 -10.02 27.70 10.18
CA ILE B 344 -10.67 28.27 11.39
C ILE B 344 -9.65 28.37 12.55
N LEU B 345 -8.81 27.34 12.74
CA LEU B 345 -7.78 27.31 13.78
C LEU B 345 -6.74 28.42 13.55
N MET B 346 -6.26 28.59 12.32
CA MET B 346 -5.27 29.65 12.05
C MET B 346 -5.81 30.99 12.50
N TYR B 347 -7.05 31.29 12.08
CA TYR B 347 -7.75 32.53 12.40
C TYR B 347 -7.90 32.73 13.92
N GLU B 348 -8.35 31.70 14.65
CA GLU B 348 -8.51 31.84 16.10
C GLU B 348 -7.16 32.00 16.81
N LEU B 349 -6.12 31.22 16.40
CA LEU B 349 -4.80 31.36 17.05
C LEU B 349 -4.18 32.78 16.80
N LEU B 350 -4.37 33.35 15.60
CA LEU B 350 -3.81 34.66 15.25
C LEU B 350 -4.55 35.84 15.90
N THR B 351 -5.86 35.70 16.19
CA THR B 351 -6.72 36.79 16.71
C THR B 351 -7.33 36.59 18.11
N GLY B 352 -7.33 35.35 18.62
CA GLY B 352 -7.95 35.03 19.89
C GLY B 352 -9.40 34.58 19.77
N SER B 353 -10.04 34.71 18.58
CA SER B 353 -11.44 34.31 18.38
C SER B 353 -11.62 33.67 17.00
N PRO B 354 -12.46 32.64 16.84
CA PRO B 354 -12.69 32.10 15.49
C PRO B 354 -13.53 33.10 14.67
N PRO B 355 -13.57 32.96 13.33
CA PRO B 355 -14.22 34.00 12.50
C PRO B 355 -15.73 34.04 12.52
N PHE B 356 -16.38 32.89 12.69
CA PHE B 356 -17.82 32.80 12.66
C PHE B 356 -18.36 32.50 14.06
N SER B 357 -19.17 33.40 14.64
CA SER B 357 -19.76 33.17 15.96
C SER B 357 -21.02 34.03 16.17
N GLY B 358 -22.15 33.35 16.40
CA GLY B 358 -23.43 33.95 16.71
C GLY B 358 -23.81 33.60 18.15
N PRO B 359 -24.96 34.14 18.63
CA PRO B 359 -25.35 33.87 20.04
C PRO B 359 -25.90 32.46 20.33
N ASP B 360 -26.00 31.57 19.34
CA ASP B 360 -26.43 30.18 19.59
C ASP B 360 -25.98 29.32 18.39
N PRO B 361 -26.12 27.98 18.42
CA PRO B 361 -25.67 27.18 17.25
C PRO B 361 -26.26 27.59 15.91
N MET B 362 -27.61 27.71 15.82
CA MET B 362 -28.30 28.07 14.56
C MET B 362 -27.80 29.38 14.00
N LYS B 363 -27.62 30.39 14.86
CA LYS B 363 -27.11 31.69 14.45
C LYS B 363 -25.65 31.61 13.98
N THR B 364 -24.83 30.78 14.65
CA THR B 364 -23.43 30.54 14.25
C THR B 364 -23.43 29.84 12.89
N TYR B 365 -24.31 28.84 12.67
CA TYR B 365 -24.37 28.16 11.37
C TYR B 365 -24.77 29.13 10.26
N ASN B 366 -25.67 30.11 10.52
CA ASN B 366 -26.10 31.08 9.51
C ASN B 366 -24.93 31.92 8.98
N ILE B 367 -24.02 32.38 9.85
CA ILE B 367 -22.85 33.19 9.41
C ILE B 367 -21.91 32.30 8.57
N ILE B 368 -21.64 31.07 9.04
CA ILE B 368 -20.75 30.13 8.34
C ILE B 368 -21.22 29.96 6.90
N LEU B 369 -22.54 29.79 6.70
CA LEU B 369 -23.11 29.60 5.36
C LEU B 369 -22.93 30.82 4.45
N ARG B 370 -22.76 32.01 5.00
CA ARG B 370 -22.47 33.20 4.18
C ARG B 370 -20.98 33.23 3.74
N GLY B 371 -20.08 32.49 4.41
CA GLY B 371 -18.71 32.24 3.95
C GLY B 371 -17.56 33.12 4.41
N ILE B 372 -16.32 32.64 4.12
CA ILE B 372 -15.06 33.33 4.48
C ILE B 372 -14.84 34.60 3.66
N ASP B 373 -15.37 34.69 2.42
CA ASP B 373 -15.21 35.90 1.61
C ASP B 373 -16.09 37.04 2.08
N MET B 374 -17.01 36.79 3.02
CA MET B 374 -17.90 37.82 3.59
C MET B 374 -17.35 38.38 4.92
N ILE B 375 -16.18 37.92 5.38
CA ILE B 375 -15.52 38.39 6.61
C ILE B 375 -14.47 39.47 6.26
N GLU B 376 -14.38 40.53 7.09
CA GLU B 376 -13.38 41.59 6.98
C GLU B 376 -12.26 41.11 7.91
N PHE B 377 -11.16 40.63 7.34
CA PHE B 377 -10.06 40.05 8.11
C PHE B 377 -9.32 41.11 8.95
N PRO B 378 -9.11 40.88 10.27
CA PRO B 378 -8.38 41.87 11.07
C PRO B 378 -7.02 42.23 10.49
N LYS B 379 -6.59 43.47 10.75
CA LYS B 379 -5.32 44.00 10.28
C LYS B 379 -4.14 43.15 10.81
N LYS B 380 -4.33 42.53 12.01
CA LYS B 380 -3.40 41.63 12.69
C LYS B 380 -2.97 40.45 11.78
N ILE B 381 -3.91 39.89 10.98
CA ILE B 381 -3.63 38.75 10.11
C ILE B 381 -2.82 39.19 8.87
N ALA B 382 -1.61 38.63 8.71
CA ALA B 382 -0.72 38.91 7.57
C ALA B 382 -1.36 38.40 6.26
N LYS B 383 -1.07 39.07 5.15
CA LYS B 383 -1.61 38.77 3.82
C LYS B 383 -1.54 37.29 3.43
N ASN B 384 -0.35 36.67 3.61
CA ASN B 384 -0.15 35.26 3.28
C ASN B 384 -0.97 34.35 4.17
N ALA B 385 -1.13 34.72 5.47
CA ALA B 385 -1.96 33.97 6.40
C ALA B 385 -3.45 34.10 5.97
N ALA B 386 -3.90 35.31 5.60
CA ALA B 386 -5.28 35.55 5.16
C ALA B 386 -5.59 34.80 3.86
N ASN B 387 -4.63 34.77 2.95
CA ASN B 387 -4.74 34.07 1.67
C ASN B 387 -4.90 32.55 1.90
N LEU B 388 -4.10 31.98 2.82
CA LEU B 388 -4.16 30.55 3.12
C LEU B 388 -5.50 30.19 3.81
N ILE B 389 -5.97 31.03 4.74
CA ILE B 389 -7.24 30.83 5.42
C ILE B 389 -8.39 30.79 4.39
N LYS B 390 -8.42 31.74 3.45
CA LYS B 390 -9.49 31.78 2.44
C LYS B 390 -9.48 30.55 1.50
N LYS B 391 -8.28 30.02 1.18
CA LYS B 391 -8.14 28.80 0.36
C LYS B 391 -8.55 27.54 1.12
N LEU B 392 -8.25 27.49 2.43
CA LEU B 392 -8.64 26.38 3.30
C LEU B 392 -10.15 26.40 3.57
N CYS B 393 -10.76 27.60 3.69
CA CYS B 393 -12.19 27.73 3.97
C CYS B 393 -13.05 28.05 2.74
N ARG B 394 -12.88 27.29 1.67
CA ARG B 394 -13.73 27.38 0.48
C ARG B 394 -15.08 26.73 0.82
N ASP B 395 -16.19 27.28 0.28
CA ASP B 395 -17.54 26.72 0.49
C ASP B 395 -17.59 25.31 -0.09
N ASN B 396 -17.12 25.15 -1.33
CA ASN B 396 -17.14 23.86 -2.02
C ASN B 396 -16.00 22.98 -1.53
N PRO B 397 -16.30 21.81 -0.92
CA PRO B 397 -15.22 20.94 -0.44
C PRO B 397 -14.20 20.48 -1.48
N SER B 398 -14.62 20.32 -2.76
CA SER B 398 -13.76 19.84 -3.86
C SER B 398 -12.72 20.88 -4.27
N GLU B 399 -13.01 22.18 -4.08
CA GLU B 399 -12.12 23.30 -4.44
C GLU B 399 -11.18 23.68 -3.31
N ARG B 400 -11.31 23.02 -2.16
CA ARG B 400 -10.60 23.36 -0.94
C ARG B 400 -9.12 22.95 -0.97
N LEU B 401 -8.21 23.86 -0.58
CA LEU B 401 -6.77 23.57 -0.57
C LEU B 401 -6.49 22.40 0.36
N GLY B 402 -5.73 21.41 -0.13
CA GLY B 402 -5.46 20.18 0.59
C GLY B 402 -6.21 19.00 -0.01
N ASN B 403 -7.31 19.28 -0.72
CA ASN B 403 -8.14 18.30 -1.42
C ASN B 403 -7.95 18.42 -2.95
N LEU B 404 -6.96 19.20 -3.42
CA LEU B 404 -6.73 19.41 -4.85
C LEU B 404 -5.73 18.39 -5.41
N LYS B 405 -4.92 18.76 -6.42
CA LYS B 405 -3.97 17.90 -7.13
C LYS B 405 -3.08 17.06 -6.23
N ASN B 406 -2.28 17.71 -5.38
CA ASN B 406 -1.24 17.03 -4.60
C ASN B 406 -1.57 16.82 -3.16
N GLY B 407 -2.87 16.81 -2.81
CA GLY B 407 -3.28 16.61 -1.44
C GLY B 407 -2.71 17.67 -0.49
N VAL B 408 -2.25 17.21 0.67
CA VAL B 408 -1.71 18.05 1.73
C VAL B 408 -0.43 18.81 1.30
N LYS B 409 0.32 18.34 0.25
CA LYS B 409 1.49 19.04 -0.27
C LYS B 409 1.14 20.45 -0.76
N ASP B 410 -0.08 20.65 -1.29
CA ASP B 410 -0.52 21.99 -1.70
C ASP B 410 -0.62 22.94 -0.50
N ILE B 411 -0.92 22.44 0.72
CA ILE B 411 -0.91 23.27 1.94
C ILE B 411 0.56 23.53 2.31
N GLN B 412 1.39 22.46 2.35
CA GLN B 412 2.83 22.57 2.70
C GLN B 412 3.62 23.52 1.81
N LYS B 413 3.29 23.58 0.51
CA LYS B 413 3.95 24.45 -0.44
C LYS B 413 3.41 25.90 -0.48
N HIS B 414 2.37 26.26 0.32
CA HIS B 414 1.81 27.63 0.30
C HIS B 414 2.85 28.67 0.76
N LYS B 415 2.84 29.87 0.12
CA LYS B 415 3.73 31.01 0.41
C LYS B 415 3.85 31.38 1.93
N TRP B 416 2.80 31.16 2.75
CA TRP B 416 2.86 31.39 4.21
C TRP B 416 3.95 30.52 4.88
N PHE B 417 4.15 29.29 4.35
CA PHE B 417 5.17 28.34 4.82
C PHE B 417 6.53 28.49 4.13
N GLU B 418 6.75 29.53 3.30
CA GLU B 418 8.06 29.73 2.65
C GLU B 418 9.06 30.01 3.77
N GLY B 419 10.14 29.24 3.80
CA GLY B 419 11.14 29.36 4.85
C GLY B 419 10.94 28.41 5.99
N PHE B 420 9.78 27.69 6.02
CA PHE B 420 9.45 26.76 7.10
C PHE B 420 10.19 25.44 6.84
N ASN B 421 10.91 24.95 7.86
CA ASN B 421 11.71 23.73 7.76
C ASN B 421 10.84 22.53 8.13
N TRP B 422 10.09 22.00 7.13
CA TRP B 422 9.21 20.85 7.36
C TRP B 422 9.95 19.62 7.84
N GLU B 423 11.16 19.39 7.30
CA GLU B 423 12.00 18.24 7.63
C GLU B 423 12.53 18.32 9.07
N GLY B 424 12.96 19.53 9.47
CA GLY B 424 13.43 19.82 10.82
C GLY B 424 12.34 19.60 11.85
N LEU B 425 11.07 19.98 11.50
CA LEU B 425 9.90 19.72 12.36
C LEU B 425 9.69 18.21 12.47
N ARG B 426 9.70 17.46 11.34
CA ARG B 426 9.53 15.99 11.37
C ARG B 426 10.68 15.30 12.15
N LYS B 427 11.89 15.85 12.07
CA LYS B 427 13.04 15.30 12.79
C LYS B 427 13.11 15.73 14.28
N GLY B 428 12.32 16.75 14.64
CA GLY B 428 12.24 17.24 16.00
C GLY B 428 13.37 18.18 16.36
N THR B 429 14.06 18.72 15.35
CA THR B 429 15.19 19.64 15.53
C THR B 429 14.80 21.10 15.28
N LEU B 430 13.55 21.38 14.84
CA LEU B 430 13.09 22.75 14.65
C LEU B 430 12.73 23.30 16.03
N THR B 431 13.27 24.46 16.40
CA THR B 431 13.05 25.07 17.71
C THR B 431 11.58 25.57 17.82
N PRO B 432 10.76 25.06 18.79
CA PRO B 432 9.38 25.53 18.89
C PRO B 432 9.30 27.00 19.34
N PRO B 433 8.14 27.66 19.14
CA PRO B 433 8.02 29.08 19.51
C PRO B 433 7.91 29.36 21.01
N ILE B 434 7.33 28.42 21.79
CA ILE B 434 7.19 28.57 23.24
C ILE B 434 7.88 27.36 23.83
N ILE B 435 8.95 27.59 24.61
CA ILE B 435 9.75 26.51 25.21
C ILE B 435 9.19 26.27 26.63
N PRO B 436 8.45 25.16 26.90
CA PRO B 436 7.96 24.95 28.27
C PRO B 436 9.08 24.54 29.23
N SER B 437 8.93 24.92 30.49
CA SER B 437 9.86 24.58 31.56
C SER B 437 9.26 23.38 32.32
N VAL B 438 9.83 22.18 32.17
CA VAL B 438 9.34 21.02 32.91
C VAL B 438 10.59 20.29 33.48
N ALA B 439 10.75 20.36 34.81
CA ALA B 439 11.91 19.83 35.53
C ALA B 439 12.02 18.30 35.58
N SER B 440 10.89 17.56 35.51
CA SER B 440 10.95 16.11 35.59
C SER B 440 9.70 15.46 35.02
N PRO B 441 9.66 14.12 34.86
CA PRO B 441 8.40 13.47 34.42
C PRO B 441 7.16 13.68 35.34
N THR B 442 7.34 14.19 36.60
CA THR B 442 6.23 14.46 37.53
C THR B 442 5.90 15.96 37.68
N ASP B 443 6.53 16.83 36.87
CA ASP B 443 6.30 18.28 36.94
C ASP B 443 5.01 18.62 36.18
N THR B 444 3.95 19.04 36.92
CA THR B 444 2.66 19.42 36.33
C THR B 444 2.43 20.91 36.48
N SER B 445 3.49 21.72 36.66
CA SER B 445 3.30 23.17 36.84
C SER B 445 2.82 23.92 35.59
N ASN B 446 2.82 23.28 34.39
CA ASN B 446 2.30 23.92 33.16
C ASN B 446 0.79 23.71 32.96
N PHE B 447 0.10 23.09 33.93
CA PHE B 447 -1.34 22.88 33.92
C PHE B 447 -1.94 23.71 35.04
N ASP B 448 -3.24 23.96 34.93
CA ASP B 448 -3.98 24.66 35.99
C ASP B 448 -4.10 23.70 37.18
N SER B 449 -4.45 24.25 38.33
CA SER B 449 -4.65 23.48 39.55
C SER B 449 -6.09 22.98 39.59
N PHE B 450 -6.31 21.74 40.05
CA PHE B 450 -7.65 21.17 40.13
C PHE B 450 -7.92 20.67 41.53
N PRO B 451 -9.14 20.86 42.05
CA PRO B 451 -9.45 20.32 43.36
C PRO B 451 -9.66 18.80 43.26
N GLU B 452 -9.36 18.06 44.34
CA GLU B 452 -9.59 16.61 44.35
C GLU B 452 -11.11 16.33 44.21
N ASP B 453 -11.42 15.21 43.55
CA ASP B 453 -12.77 14.76 43.28
C ASP B 453 -13.56 14.54 44.59
N ASN B 454 -14.72 15.18 44.72
CA ASN B 454 -15.58 15.02 45.88
C ASN B 454 -17.00 14.69 45.38
N ASP B 455 -17.07 13.75 44.42
CA ASP B 455 -18.32 13.33 43.82
C ASP B 455 -18.78 12.00 44.40
N GLU B 456 -20.08 11.74 44.25
CA GLU B 456 -20.66 10.45 44.57
C GLU B 456 -20.21 9.59 43.34
N PRO B 457 -19.77 8.32 43.48
CA PRO B 457 -19.35 7.56 42.28
C PRO B 457 -20.49 7.45 41.26
N PRO B 458 -20.24 7.40 39.93
CA PRO B 458 -21.39 7.25 39.03
C PRO B 458 -21.97 5.83 39.11
N PRO B 459 -23.19 5.56 38.61
CA PRO B 459 -23.73 4.19 38.72
C PRO B 459 -22.97 3.15 37.89
N ASP B 460 -23.06 1.87 38.29
CA ASP B 460 -22.43 0.78 37.55
C ASP B 460 -23.10 0.65 36.18
N ASP B 461 -22.32 0.27 35.17
CA ASP B 461 -22.81 0.02 33.82
C ASP B 461 -22.18 -1.31 33.40
N ASN B 462 -22.96 -2.39 33.55
CA ASN B 462 -22.55 -3.74 33.19
C ASN B 462 -23.27 -4.18 31.90
N SER B 463 -23.61 -3.22 31.00
CA SER B 463 -24.34 -3.49 29.77
C SER B 463 -23.55 -4.37 28.77
N GLY B 464 -22.33 -3.98 28.44
CA GLY B 464 -21.48 -4.78 27.55
C GLY B 464 -20.91 -4.06 26.35
N TRP B 465 -21.40 -2.87 26.02
CA TRP B 465 -20.85 -2.07 24.91
C TRP B 465 -19.33 -1.87 25.12
N ASP B 466 -18.94 -1.88 26.41
CA ASP B 466 -17.61 -1.89 27.06
C ASP B 466 -16.64 -3.02 26.69
N ILE B 467 -17.17 -4.12 26.14
CA ILE B 467 -16.49 -5.41 25.95
C ILE B 467 -15.02 -5.31 25.48
N ASP B 468 -14.70 -4.46 24.48
CA ASP B 468 -13.32 -4.34 23.95
C ASP B 468 -12.32 -3.54 24.83
N PHE B 469 -12.77 -2.77 25.83
CA PHE B 469 -11.88 -1.96 26.67
C PHE B 469 -11.10 -2.80 27.69
#